data_9VKG
#
_entry.id   9VKG
#
_cell.length_a   1.00
_cell.length_b   1.00
_cell.length_c   1.00
_cell.angle_alpha   90.00
_cell.angle_beta   90.00
_cell.angle_gamma   90.00
#
_symmetry.space_group_name_H-M   'P 1'
#
loop_
_entity.id
_entity.type
_entity.pdbx_description
1 polymer 'Phospholipid-transporting ATPase IG'
2 polymer 'Cell cycle control protein 50A'
3 branched 2-acetamido-2-deoxy-beta-D-glucopyranose-(1-4)-2-acetamido-2-deoxy-beta-D-glucopyranose
4 non-polymer 'TETRAFLUOROALUMINATE ION'
5 non-polymer 'MAGNESIUM ION'
6 non-polymer 1,2-DIOLEOYL-SN-GLYCERO-3-PHOSPHOCHOLINE
7 non-polymer 2-acetamido-2-deoxy-beta-D-glucopyranose
8 water water
#
loop_
_entity_poly.entity_id
_entity_poly.type
_entity_poly.pdbx_seq_one_letter_code
_entity_poly.pdbx_strand_id
1 'polypeptide(L)'
;TRTVFVGNHPVSETEAYIAQRFCDNRIVSSKYTLWNFLPKNLFEQFRRIANFYFLIIFLVEVTVDTPTSPVTSGLPLFFV
ITVTAIKQGYEDWLRHRADNEVNKSTVYIIENAKRVRKESEKIKVGDVVEVQADETFPCDLILLSSCTTDGTCYVTTASL
DGESNCKTHYAVRDTIALCTAESIDTLRAAIECEQPQPDLYKFVGRINIYSNSLEAVARSLGPENLLLKGATLKNTEKIY
GVAVYTGMETKMALNYQGKSQKRSAVEKSINAFLIVYLFILLTKAAVCTTLKYVWQSTPYNDEPWYNQKTQKERETLKVL
KMFTDFLSFMVLFNFIIPVSMYVTVEMQKFLGSFFISWDKDFYDEEINEGALVNTSDLNEELGQVDYVFTDKTGTLTENS
MEFIECCIDGHKYKGVTQEVDGLSQTDGTLTYFDKVDKNREELFLRALCLCHTVEIKTNDAVDGATESAELTYISSSPDE
IALVKGAKRYGFTFLGNRNGYMRVENQRKEIEEYELLHTLNFDAVRRRMSVIVKTQEGDILLFCKGADSAVFPRVQNHEI
ELTKVHVERNAMDGYRTLCVAFKEIAPDDYERINRQLIEAKMALQDREEKMEKVFDDIETNMNLIGATAVEDKLQDQAAE
TIEALHAAGLKVWVLTGDKMETAKSTCYACRLFQTNTELLELTTKTIEESERKEDRLHELLIEYRKKLLHEFPKSTRSFK
KAWTEHQEYGLIIDGSTLSLILNSSQDSSSNNYKSIFLQICMKCTAVLCCRMAPLQKAQIVRMVKNLKGSPITLSIGDGA
NDVSMILESHVGIGIKGKEGRQAARNSDYSVPKFKHLKKLLLAHGHLYYVRIAHLVQYFFYKNLCFILPQFLYQFFCGFS
QQPLYDAAYLTMYNICFTSLPILAYSLLEQHINIDTLTSDPRLYMKISGNAMLQLGPFLYWTFLAAFEGTVFFFGTYFLF
QTASLEENGKVYGNWTFGTIVFTVLVFTVTLKLALDTRFWTWINHFVIWGSLAFYVFFSFFWGGIIWPFLKQQRMYFVFA
QMLSSVSTWLAIILLIFISLFPEILLIVLKNVR
;
A
2 'polypeptide(L)'
;RPDNTAFKQQRLPAWQPILTAGTVLPIFFIIGLIFIPIGIGIFVTSNNIREIEIDYTGTEPSSPCNKCLSPDVTPCFCTI
NFTLEKSFEGNVFMYYGLSNFYQNHRRYVKSRDDSQLNGDSSALLNPSKECEPYRRNEDKPIAPCGAIMNSMFNDTLELF
LIGQDSYPIPIALKKKGIAWWTDKNVKFRNPPGGDNLEERFKGTTKPVNWLKPVYMLDSDPDNNGFINEDFIVWMRTAAL
PTFRKLYRLIERKSDLHPTLPAGRYWLNVTYNYPVHYFDGRKRMILSTISWMGGKNPFLGIAYIAVGSISFLLGVVLLVI
NHKY
;
C
#
# COMPACT_ATOMS: atom_id res chain seq x y z
N THR A 1 -27.32 -35.92 29.53
CA THR A 1 -28.49 -35.56 30.32
C THR A 1 -28.10 -34.79 31.57
N ARG A 2 -28.69 -33.61 31.74
CA ARG A 2 -28.47 -32.77 32.91
C ARG A 2 -29.70 -32.81 33.80
N THR A 3 -29.47 -32.89 35.12
CA THR A 3 -30.54 -33.00 36.09
C THR A 3 -30.70 -31.67 36.81
N VAL A 4 -31.91 -31.13 36.77
CA VAL A 4 -32.21 -29.81 37.31
C VAL A 4 -33.25 -29.97 38.40
N PHE A 5 -32.97 -29.41 39.58
CA PHE A 5 -33.93 -29.39 40.67
C PHE A 5 -34.70 -28.09 40.64
N VAL A 6 -36.03 -28.17 40.75
CA VAL A 6 -36.90 -27.06 40.36
C VAL A 6 -36.64 -25.83 41.23
N GLY A 7 -36.52 -26.02 42.54
CA GLY A 7 -36.25 -24.89 43.40
C GLY A 7 -34.86 -24.93 43.99
N ASN A 8 -33.97 -25.68 43.34
CA ASN A 8 -32.66 -26.02 43.90
C ASN A 8 -32.83 -26.66 45.28
N HIS A 9 -33.85 -27.52 45.40
CA HIS A 9 -34.21 -28.21 46.62
C HIS A 9 -34.01 -29.71 46.45
N PRO A 10 -33.51 -30.40 47.47
CA PRO A 10 -33.48 -31.87 47.42
C PRO A 10 -34.90 -32.44 47.37
N VAL A 11 -35.03 -33.56 46.68
CA VAL A 11 -36.33 -34.20 46.52
C VAL A 11 -36.63 -35.13 47.69
N GLN A 20 -25.87 -30.48 40.47
CA GLN A 20 -24.61 -30.31 39.75
C GLN A 20 -24.11 -28.89 39.88
N ARG A 21 -23.24 -28.48 38.95
CA ARG A 21 -22.68 -27.13 38.97
C ARG A 21 -22.56 -26.65 37.53
N PHE A 22 -23.42 -25.72 37.14
CA PHE A 22 -23.49 -25.22 35.78
C PHE A 22 -22.92 -23.80 35.73
N CYS A 23 -22.96 -23.23 34.52
CA CYS A 23 -22.51 -21.86 34.32
C CYS A 23 -23.56 -20.88 34.84
N ASP A 24 -23.15 -19.60 34.90
CA ASP A 24 -24.05 -18.54 35.31
C ASP A 24 -24.78 -17.99 34.10
N ASN A 25 -25.69 -17.04 34.34
CA ASN A 25 -26.54 -16.48 33.30
C ASN A 25 -25.91 -15.28 32.62
N ARG A 26 -24.60 -15.14 32.66
CA ARG A 26 -23.92 -13.99 32.07
C ARG A 26 -23.54 -14.29 30.63
N ILE A 27 -23.86 -13.38 29.73
CA ILE A 27 -23.54 -13.51 28.31
C ILE A 27 -22.35 -12.62 28.00
N VAL A 28 -21.47 -13.10 27.11
CA VAL A 28 -20.29 -12.36 26.69
C VAL A 28 -20.21 -12.39 25.17
N SER A 29 -20.03 -11.23 24.56
CA SER A 29 -19.82 -11.13 23.13
C SER A 29 -18.56 -10.38 22.76
N SER A 30 -17.86 -9.78 23.73
CA SER A 30 -16.60 -9.11 23.47
C SER A 30 -15.45 -10.11 23.53
N LYS A 31 -14.31 -9.70 22.97
CA LYS A 31 -13.13 -10.54 22.93
C LYS A 31 -11.97 -10.02 23.77
N TYR A 32 -12.04 -8.77 24.25
CA TYR A 32 -10.99 -8.17 25.04
C TYR A 32 -11.48 -7.85 26.44
N THR A 33 -10.56 -7.85 27.39
CA THR A 33 -10.76 -7.20 28.67
C THR A 33 -9.90 -5.94 28.70
N LEU A 34 -9.93 -5.23 29.83
CA LEU A 34 -9.13 -4.02 29.94
C LEU A 34 -7.64 -4.34 30.09
N TRP A 35 -7.32 -5.36 30.88
CA TRP A 35 -5.92 -5.63 31.22
C TRP A 35 -5.17 -6.29 30.07
N ASN A 36 -5.82 -7.21 29.35
CA ASN A 36 -5.16 -7.95 28.29
C ASN A 36 -5.33 -7.33 26.91
N PHE A 37 -6.01 -6.18 26.81
CA PHE A 37 -6.30 -5.62 25.50
C PHE A 37 -5.02 -5.26 24.75
N LEU A 38 -4.12 -4.52 25.39
CA LEU A 38 -2.88 -4.13 24.71
C LEU A 38 -2.03 -5.34 24.32
N PRO A 39 -1.72 -6.29 25.21
CA PRO A 39 -0.94 -7.45 24.75
C PRO A 39 -1.62 -8.23 23.64
N LYS A 40 -2.91 -8.54 23.80
CA LYS A 40 -3.61 -9.34 22.79
C LYS A 40 -3.64 -8.62 21.45
N ASN A 41 -3.97 -7.33 21.45
CA ASN A 41 -4.12 -6.59 20.21
C ASN A 41 -2.77 -6.38 19.53
N LEU A 42 -1.73 -6.04 20.29
CA LEU A 42 -0.41 -5.89 19.69
C LEU A 42 0.12 -7.21 19.15
N PHE A 43 -0.13 -8.32 19.86
CA PHE A 43 0.27 -9.62 19.35
C PHE A 43 -0.44 -9.96 18.06
N GLU A 44 -1.75 -9.69 17.98
CA GLU A 44 -2.47 -9.94 16.74
C GLU A 44 -2.00 -9.04 15.61
N GLN A 45 -1.71 -7.78 15.89
CA GLN A 45 -1.30 -6.85 14.84
C GLN A 45 0.08 -7.19 14.31
N PHE A 46 1.01 -7.54 15.21
CA PHE A 46 2.37 -7.81 14.80
C PHE A 46 2.59 -9.25 14.36
N ARG A 47 1.55 -10.08 14.41
CA ARG A 47 1.57 -11.38 13.76
C ARG A 47 1.42 -11.27 12.25
N ARG A 48 1.05 -10.09 11.75
CA ARG A 48 0.91 -9.86 10.32
C ARG A 48 2.26 -9.52 9.70
N ILE A 49 2.50 -10.04 8.50
CA ILE A 49 3.82 -9.97 7.88
C ILE A 49 4.21 -8.52 7.61
N ALA A 50 3.26 -7.69 7.17
CA ALA A 50 3.57 -6.30 6.86
C ALA A 50 4.05 -5.54 8.10
N ASN A 51 3.31 -5.67 9.20
CA ASN A 51 3.70 -4.99 10.44
C ASN A 51 5.03 -5.52 10.97
N PHE A 52 5.23 -6.84 10.91
CA PHE A 52 6.49 -7.41 11.36
C PHE A 52 7.66 -6.88 10.53
N TYR A 53 7.48 -6.82 9.20
CA TYR A 53 8.53 -6.31 8.34
C TYR A 53 8.83 -4.84 8.61
N PHE A 54 7.78 -4.03 8.81
CA PHE A 54 8.00 -2.61 9.10
C PHE A 54 8.73 -2.43 10.41
N LEU A 55 8.38 -3.22 11.42
CA LEU A 55 9.09 -3.15 12.70
C LEU A 55 10.56 -3.56 12.53
N ILE A 56 10.81 -4.61 11.76
CA ILE A 56 12.19 -5.05 11.55
C ILE A 56 13.00 -3.98 10.83
N ILE A 57 12.40 -3.36 9.81
CA ILE A 57 13.10 -2.31 9.06
C ILE A 57 13.39 -1.13 9.97
N PHE A 58 12.43 -0.73 10.80
CA PHE A 58 12.65 0.38 11.73
C PHE A 58 13.77 0.05 12.71
N LEU A 59 13.79 -1.19 13.24
CA LEU A 59 14.85 -1.58 14.16
C LEU A 59 16.21 -1.55 13.49
N VAL A 60 16.29 -2.01 12.23
CA VAL A 60 17.54 -1.99 11.50
C VAL A 60 18.00 -0.55 11.25
N GLU A 61 17.06 0.34 10.91
CA GLU A 61 17.43 1.74 10.72
C GLU A 61 17.92 2.36 12.02
N VAL A 62 17.35 1.97 13.15
CA VAL A 62 17.78 2.51 14.44
C VAL A 62 19.16 2.00 14.80
N THR A 63 19.44 0.72 14.58
CA THR A 63 20.62 0.09 15.15
C THR A 63 21.80 -0.01 14.22
N VAL A 64 21.59 -0.18 12.92
CA VAL A 64 22.65 -0.53 11.98
C VAL A 64 22.96 0.62 11.02
N ASP A 65 22.00 1.00 10.19
CA ASP A 65 22.26 1.95 9.11
C ASP A 65 20.93 2.43 8.53
N THR A 66 20.97 3.61 7.94
CA THR A 66 19.79 4.19 7.30
C THR A 66 20.20 5.34 6.38
N PRO A 67 19.61 5.42 5.17
CA PRO A 67 19.88 6.59 4.31
C PRO A 67 19.13 7.84 4.74
N THR A 68 18.03 7.70 5.49
CA THR A 68 17.26 8.80 6.03
C THR A 68 17.14 8.59 7.54
N SER A 69 16.26 9.37 8.17
CA SER A 69 16.05 9.20 9.59
C SER A 69 15.21 7.96 9.88
N PRO A 70 15.45 7.30 11.02
CA PRO A 70 14.53 6.24 11.46
C PRO A 70 13.13 6.76 11.80
N VAL A 71 12.97 8.07 11.99
CA VAL A 71 11.67 8.64 12.32
C VAL A 71 10.67 8.37 11.20
N THR A 72 11.10 8.53 9.95
CA THR A 72 10.21 8.34 8.81
C THR A 72 9.81 6.89 8.62
N SER A 73 10.44 5.96 9.33
CA SER A 73 9.99 4.56 9.33
C SER A 73 9.26 4.18 10.61
N GLY A 74 9.50 4.87 11.72
CA GLY A 74 8.86 4.54 12.98
C GLY A 74 7.53 5.24 13.19
N LEU A 75 7.45 6.51 12.82
CA LEU A 75 6.22 7.27 13.00
C LEU A 75 5.04 6.72 12.19
N PRO A 76 5.17 6.43 10.89
CA PRO A 76 4.03 5.84 10.17
C PRO A 76 3.58 4.49 10.72
N LEU A 77 4.54 3.65 11.14
CA LEU A 77 4.18 2.36 11.73
C LEU A 77 3.42 2.55 13.03
N PHE A 78 3.88 3.47 13.88
CA PHE A 78 3.16 3.78 15.11
C PHE A 78 1.76 4.29 14.80
N PHE A 79 1.63 5.15 13.80
CA PHE A 79 0.33 5.70 13.44
C PHE A 79 -0.63 4.59 13.01
N VAL A 80 -0.16 3.68 12.15
CA VAL A 80 -1.02 2.61 11.66
C VAL A 80 -1.42 1.69 12.81
N ILE A 81 -0.46 1.28 13.64
CA ILE A 81 -0.77 0.40 14.76
C ILE A 81 -1.76 1.05 15.71
N THR A 82 -1.54 2.32 16.04
CA THR A 82 -2.42 3.02 16.97
C THR A 82 -3.83 3.16 16.42
N VAL A 83 -3.95 3.49 15.13
CA VAL A 83 -5.27 3.66 14.53
C VAL A 83 -6.03 2.33 14.55
N THR A 84 -5.36 1.24 14.16
CA THR A 84 -6.01 -0.07 14.18
C THR A 84 -6.40 -0.47 15.61
N ALA A 85 -5.52 -0.24 16.57
CA ALA A 85 -5.83 -0.57 17.96
C ALA A 85 -7.01 0.23 18.48
N ILE A 86 -7.07 1.52 18.16
CA ILE A 86 -8.19 2.36 18.60
C ILE A 86 -9.50 1.86 18.02
N LYS A 87 -9.50 1.54 16.71
CA LYS A 87 -10.73 1.04 16.09
C LYS A 87 -11.19 -0.27 16.74
N GLN A 88 -10.27 -1.22 16.90
CA GLN A 88 -10.65 -2.50 17.48
C GLN A 88 -11.10 -2.35 18.92
N GLY A 89 -10.43 -1.50 19.70
CA GLY A 89 -10.82 -1.29 21.07
C GLY A 89 -12.18 -0.63 21.21
N TYR A 90 -12.48 0.34 20.34
CA TYR A 90 -13.78 0.99 20.38
C TYR A 90 -14.89 0.00 20.02
N GLU A 91 -14.66 -0.84 19.00
CA GLU A 91 -15.65 -1.84 18.66
C GLU A 91 -15.87 -2.84 19.79
N ASP A 92 -14.79 -3.30 20.43
CA ASP A 92 -14.95 -4.21 21.56
C ASP A 92 -15.61 -3.53 22.74
N TRP A 93 -15.38 -2.24 22.95
CA TRP A 93 -16.05 -1.53 24.03
C TRP A 93 -17.54 -1.39 23.76
N LEU A 94 -17.93 -1.21 22.50
CA LEU A 94 -19.34 -1.24 22.15
C LEU A 94 -19.95 -2.61 22.44
N ARG A 95 -19.22 -3.68 22.14
CA ARG A 95 -19.70 -5.01 22.49
C ARG A 95 -19.82 -5.19 24.00
N HIS A 96 -18.87 -4.64 24.77
CA HIS A 96 -18.95 -4.67 26.22
C HIS A 96 -20.21 -3.95 26.72
N ARG A 97 -20.50 -2.79 26.12
CA ARG A 97 -21.69 -2.05 26.51
C ARG A 97 -22.97 -2.83 26.22
N ALA A 98 -23.02 -3.49 25.06
CA ALA A 98 -24.18 -4.30 24.72
C ALA A 98 -24.34 -5.47 25.69
N ASP A 99 -23.23 -6.12 26.04
CA ASP A 99 -23.29 -7.21 27.02
C ASP A 99 -23.76 -6.70 28.38
N ASN A 100 -23.30 -5.53 28.79
CA ASN A 100 -23.73 -4.96 30.06
C ASN A 100 -25.20 -4.59 30.04
N GLU A 101 -25.71 -4.16 28.88
CA GLU A 101 -27.13 -3.89 28.76
C GLU A 101 -27.95 -5.17 28.87
N VAL A 102 -27.51 -6.24 28.19
CA VAL A 102 -28.24 -7.50 28.24
C VAL A 102 -28.21 -8.08 29.65
N ASN A 103 -27.03 -8.17 30.24
CA ASN A 103 -26.93 -8.45 31.66
C ASN A 103 -27.42 -7.23 32.43
N LYS A 104 -27.31 -7.30 33.76
CA LYS A 104 -27.65 -6.21 34.66
C LYS A 104 -29.12 -5.81 34.59
N SER A 105 -29.93 -6.47 33.77
CA SER A 105 -31.35 -6.17 33.69
C SER A 105 -32.10 -6.86 34.83
N THR A 106 -33.18 -6.23 35.26
CA THR A 106 -33.88 -6.68 36.45
C THR A 106 -34.67 -7.95 36.18
N VAL A 107 -34.45 -8.96 37.02
CA VAL A 107 -35.20 -10.21 36.99
C VAL A 107 -35.68 -10.50 38.40
N TYR A 108 -36.75 -11.28 38.49
CA TYR A 108 -37.36 -11.60 39.77
C TYR A 108 -37.27 -13.11 39.99
N ILE A 109 -36.83 -13.48 41.19
CA ILE A 109 -36.58 -14.88 41.55
C ILE A 109 -37.40 -15.19 42.79
N ILE A 110 -38.17 -16.28 42.73
CA ILE A 110 -38.86 -16.80 43.91
C ILE A 110 -37.82 -17.58 44.71
N GLU A 111 -37.29 -16.97 45.75
CA GLU A 111 -36.19 -17.58 46.51
C GLU A 111 -36.67 -18.37 47.72
N ASN A 112 -37.36 -17.71 48.66
CA ASN A 112 -37.97 -18.39 49.80
C ASN A 112 -39.38 -17.82 50.00
N ALA A 113 -40.33 -18.37 49.25
CA ALA A 113 -41.73 -17.95 49.29
C ALA A 113 -41.92 -16.45 49.05
N LYS A 114 -40.89 -15.78 48.52
CA LYS A 114 -40.94 -14.34 48.33
C LYS A 114 -40.26 -13.98 47.02
N ARG A 115 -40.73 -12.89 46.42
CA ARG A 115 -40.14 -12.37 45.19
C ARG A 115 -38.85 -11.63 45.51
N VAL A 116 -37.75 -12.07 44.93
CA VAL A 116 -36.44 -11.47 45.16
C VAL A 116 -36.00 -10.80 43.86
N ARG A 117 -35.73 -9.50 43.93
CA ARG A 117 -35.27 -8.76 42.77
C ARG A 117 -33.77 -8.98 42.61
N LYS A 118 -33.38 -9.61 41.50
CA LYS A 118 -31.98 -9.86 41.25
C LYS A 118 -31.55 -9.28 39.91
N GLU A 119 -30.36 -9.64 39.47
CA GLU A 119 -29.80 -9.18 38.22
C GLU A 119 -29.77 -10.35 37.24
N SER A 120 -29.89 -10.04 35.95
CA SER A 120 -30.10 -11.10 34.97
C SER A 120 -28.95 -12.10 34.96
N GLU A 121 -27.71 -11.63 35.03
CA GLU A 121 -26.55 -12.51 35.03
C GLU A 121 -26.48 -13.36 36.30
N LYS A 122 -27.25 -13.04 37.33
CA LYS A 122 -27.18 -13.73 38.61
C LYS A 122 -28.16 -14.91 38.71
N ILE A 123 -28.85 -15.24 37.61
CA ILE A 123 -29.79 -16.37 37.63
C ILE A 123 -29.00 -17.68 37.61
N LYS A 124 -29.36 -18.59 38.49
CA LYS A 124 -28.79 -19.93 38.54
C LYS A 124 -29.67 -20.89 37.75
N VAL A 125 -29.10 -22.04 37.40
CA VAL A 125 -29.89 -23.11 36.83
C VAL A 125 -30.70 -23.77 37.93
N GLY A 126 -32.01 -23.85 37.74
CA GLY A 126 -32.89 -24.49 38.69
C GLY A 126 -33.58 -23.57 39.68
N ASP A 127 -33.73 -22.30 39.37
CA ASP A 127 -34.47 -21.39 40.24
C ASP A 127 -35.71 -20.89 39.52
N VAL A 128 -36.72 -20.54 40.32
CA VAL A 128 -38.01 -20.12 39.78
C VAL A 128 -37.91 -18.66 39.35
N VAL A 129 -38.14 -18.40 38.07
CA VAL A 129 -38.08 -17.06 37.51
C VAL A 129 -39.50 -16.63 37.18
N GLU A 130 -39.87 -15.44 37.64
CA GLU A 130 -41.19 -14.86 37.37
C GLU A 130 -41.06 -13.81 36.27
N VAL A 131 -41.85 -13.96 35.22
CA VAL A 131 -41.84 -13.07 34.07
C VAL A 131 -43.23 -12.50 33.88
N GLN A 132 -43.32 -11.18 33.74
CA GLN A 132 -44.59 -10.50 33.54
C GLN A 132 -44.81 -10.23 32.05
N ALA A 133 -45.96 -9.65 31.73
CA ALA A 133 -46.30 -9.38 30.33
C ALA A 133 -45.35 -8.39 29.71
N ASP A 134 -45.05 -8.58 28.43
CA ASP A 134 -44.17 -7.75 27.62
C ASP A 134 -42.71 -7.82 28.07
N GLU A 135 -42.36 -8.77 28.92
CA GLU A 135 -40.98 -8.92 29.37
C GLU A 135 -40.30 -10.05 28.60
N THR A 136 -39.03 -9.83 28.27
CA THR A 136 -38.23 -10.85 27.61
C THR A 136 -37.80 -11.92 28.60
N PHE A 137 -37.79 -13.17 28.16
CA PHE A 137 -37.35 -14.26 29.01
C PHE A 137 -35.84 -14.16 29.21
N PRO A 138 -35.36 -14.13 30.46
CA PRO A 138 -33.92 -13.94 30.69
C PRO A 138 -33.08 -15.17 30.42
N CYS A 139 -33.68 -16.36 30.42
CA CYS A 139 -32.96 -17.58 30.15
C CYS A 139 -33.95 -18.59 29.56
N ASP A 140 -33.49 -19.82 29.37
CA ASP A 140 -34.37 -20.89 28.91
C ASP A 140 -35.13 -21.46 30.09
N LEU A 141 -36.44 -21.35 30.06
CA LEU A 141 -37.30 -21.71 31.18
C LEU A 141 -38.25 -22.83 30.78
N ILE A 142 -38.51 -23.72 31.73
CA ILE A 142 -39.59 -24.69 31.60
C ILE A 142 -40.82 -24.08 32.25
N LEU A 143 -41.90 -23.94 31.48
CA LEU A 143 -43.11 -23.28 31.98
C LEU A 143 -43.78 -24.15 33.02
N LEU A 144 -43.91 -23.62 34.24
CA LEU A 144 -44.52 -24.35 35.34
C LEU A 144 -46.00 -24.00 35.51
N SER A 145 -46.31 -22.70 35.52
CA SER A 145 -47.69 -22.27 35.64
C SER A 145 -47.82 -20.85 35.13
N SER A 146 -49.05 -20.47 34.81
CA SER A 146 -49.40 -19.10 34.48
C SER A 146 -50.55 -18.66 35.37
N CYS A 147 -51.01 -17.42 35.16
CA CYS A 147 -52.18 -16.94 35.89
C CYS A 147 -53.43 -17.69 35.45
N THR A 148 -53.55 -17.96 34.15
CA THR A 148 -54.74 -18.60 33.62
C THR A 148 -54.85 -20.04 34.11
N THR A 149 -56.10 -20.52 34.20
CA THR A 149 -56.38 -21.85 34.71
C THR A 149 -56.11 -22.96 33.70
N ASP A 150 -55.90 -22.61 32.43
CA ASP A 150 -55.61 -23.60 31.40
C ASP A 150 -54.13 -23.87 31.23
N GLY A 151 -53.27 -23.12 31.91
CA GLY A 151 -51.83 -23.32 31.81
C GLY A 151 -51.26 -23.07 30.44
N THR A 152 -51.69 -22.01 29.77
CA THR A 152 -51.26 -21.69 28.42
C THR A 152 -50.80 -20.26 28.36
N CYS A 153 -49.63 -20.03 27.76
CA CYS A 153 -49.09 -18.69 27.60
C CYS A 153 -48.75 -18.46 26.13
N TYR A 154 -48.81 -17.20 25.72
CA TYR A 154 -48.50 -16.79 24.36
C TYR A 154 -47.17 -16.07 24.34
N VAL A 155 -46.38 -16.31 23.29
CA VAL A 155 -45.01 -15.87 23.21
C VAL A 155 -44.72 -15.35 21.81
N THR A 156 -43.98 -14.24 21.73
CA THR A 156 -43.43 -13.74 20.48
C THR A 156 -41.93 -14.00 20.47
N THR A 157 -41.42 -14.57 19.38
CA THR A 157 -40.03 -14.96 19.25
C THR A 157 -39.34 -14.24 18.10
N ALA A 158 -39.60 -12.93 17.96
CA ALA A 158 -39.06 -12.19 16.82
C ALA A 158 -37.54 -12.15 16.82
N SER A 159 -36.91 -12.24 17.99
CA SER A 159 -35.47 -12.22 18.06
C SER A 159 -34.83 -13.55 17.70
N LEU A 160 -35.62 -14.61 17.55
CA LEU A 160 -35.11 -15.92 17.22
C LEU A 160 -35.46 -16.38 15.81
N ASP A 161 -36.62 -16.01 15.28
CA ASP A 161 -37.00 -16.38 13.92
C ASP A 161 -37.48 -15.19 13.09
N GLY A 162 -37.52 -14.00 13.66
CA GLY A 162 -37.86 -12.81 12.90
C GLY A 162 -39.33 -12.61 12.60
N GLU A 163 -40.21 -13.33 13.29
CA GLU A 163 -41.64 -13.27 13.03
C GLU A 163 -42.37 -12.73 14.26
N SER A 164 -43.43 -11.96 14.01
CA SER A 164 -44.19 -11.31 15.06
C SER A 164 -45.43 -12.08 15.49
N ASN A 165 -45.69 -13.25 14.90
CA ASN A 165 -46.89 -14.00 15.26
C ASN A 165 -46.74 -14.63 16.63
N CYS A 166 -47.86 -14.74 17.33
CA CYS A 166 -47.87 -15.30 18.67
C CYS A 166 -47.74 -16.82 18.62
N LYS A 167 -46.96 -17.37 19.55
CA LYS A 167 -46.75 -18.80 19.67
C LYS A 167 -47.27 -19.26 21.02
N THR A 168 -47.93 -20.42 21.04
CA THR A 168 -48.59 -20.94 22.23
C THR A 168 -47.70 -21.97 22.92
N HIS A 169 -47.51 -21.80 24.23
CA HIS A 169 -46.75 -22.74 25.04
C HIS A 169 -47.62 -23.21 26.20
N TYR A 170 -47.33 -24.42 26.68
CA TYR A 170 -48.13 -25.06 27.71
C TYR A 170 -47.29 -25.35 28.94
N ALA A 171 -47.88 -25.11 30.11
CA ALA A 171 -47.23 -25.40 31.37
C ALA A 171 -47.33 -26.89 31.70
N VAL A 172 -46.58 -27.29 32.73
CA VAL A 172 -46.71 -28.66 33.23
C VAL A 172 -48.06 -28.80 33.91
N ARG A 173 -48.80 -29.84 33.53
CA ARG A 173 -50.19 -29.97 33.96
C ARG A 173 -50.30 -30.16 35.47
N ASP A 174 -49.36 -30.87 36.07
CA ASP A 174 -49.39 -31.07 37.51
C ASP A 174 -49.00 -29.83 38.29
N THR A 175 -48.47 -28.80 37.62
CA THR A 175 -48.06 -27.56 38.28
C THR A 175 -48.85 -26.35 37.82
N ILE A 176 -49.84 -26.52 36.93
CA ILE A 176 -50.66 -25.38 36.53
C ILE A 176 -51.36 -24.72 37.70
N ALA A 177 -51.60 -25.45 38.79
CA ALA A 177 -52.30 -24.89 39.95
C ALA A 177 -51.38 -24.17 40.92
N LEU A 178 -50.08 -24.10 40.63
CA LEU A 178 -49.10 -23.54 41.55
C LEU A 178 -48.86 -22.07 41.19
N CYS A 179 -49.47 -21.19 41.98
CA CYS A 179 -49.29 -19.75 41.83
C CYS A 179 -48.97 -19.12 43.19
N THR A 180 -48.56 -17.86 43.16
CA THR A 180 -48.20 -17.08 44.36
C THR A 180 -47.08 -17.85 45.10
N ALA A 181 -47.21 -18.06 46.40
CA ALA A 181 -46.22 -18.77 47.20
C ALA A 181 -46.42 -20.28 47.18
N GLU A 182 -47.40 -20.77 46.43
CA GLU A 182 -47.60 -22.20 46.28
C GLU A 182 -46.56 -22.84 45.36
N SER A 183 -45.74 -22.05 44.70
CA SER A 183 -44.74 -22.56 43.77
C SER A 183 -43.42 -22.91 44.45
N ILE A 184 -43.34 -22.80 45.77
CA ILE A 184 -42.11 -23.12 46.48
C ILE A 184 -42.36 -24.15 47.57
N ASP A 185 -43.43 -23.99 48.34
CA ASP A 185 -43.72 -24.91 49.43
C ASP A 185 -44.44 -26.17 48.95
N THR A 186 -45.01 -26.15 47.75
CA THR A 186 -45.71 -27.30 47.20
C THR A 186 -45.11 -27.71 45.86
N LEU A 187 -43.81 -27.50 45.69
CA LEU A 187 -43.14 -27.83 44.44
C LEU A 187 -41.76 -28.40 44.75
N ARG A 188 -41.67 -29.73 44.80
CA ARG A 188 -40.40 -30.44 44.85
C ARG A 188 -40.35 -31.33 43.62
N ALA A 189 -39.51 -30.98 42.65
CA ALA A 189 -39.46 -31.72 41.39
C ALA A 189 -38.05 -31.68 40.84
N ALA A 190 -37.76 -32.64 39.96
CA ALA A 190 -36.47 -32.74 39.28
C ALA A 190 -36.71 -32.89 37.79
N ILE A 191 -35.88 -32.21 37.00
CA ILE A 191 -35.98 -32.23 35.55
C ILE A 191 -34.74 -32.88 34.98
N GLU A 192 -34.93 -33.90 34.14
CA GLU A 192 -33.85 -34.53 33.40
C GLU A 192 -34.01 -34.14 31.95
N CYS A 193 -33.09 -33.33 31.44
CA CYS A 193 -33.16 -32.84 30.07
C CYS A 193 -31.81 -32.99 29.40
N GLU A 194 -31.82 -32.87 28.07
CA GLU A 194 -30.62 -33.05 27.27
C GLU A 194 -29.64 -31.91 27.48
N GLN A 195 -28.43 -32.09 26.93
CA GLN A 195 -27.46 -31.02 26.90
C GLN A 195 -27.94 -29.90 25.96
N PRO A 196 -27.51 -28.66 26.22
CA PRO A 196 -27.93 -27.55 25.35
C PRO A 196 -27.48 -27.76 23.91
N GLN A 197 -28.34 -27.35 22.99
CA GLN A 197 -28.13 -27.50 21.56
C GLN A 197 -28.92 -26.43 20.84
N PRO A 198 -28.51 -26.03 19.64
CA PRO A 198 -29.08 -24.85 18.99
C PRO A 198 -30.31 -25.10 18.13
N ASP A 199 -30.96 -26.26 18.23
CA ASP A 199 -31.97 -26.64 17.24
C ASP A 199 -33.11 -25.63 17.16
N LEU A 200 -33.55 -25.10 18.30
CA LEU A 200 -34.56 -24.07 18.48
C LEU A 200 -35.98 -24.61 18.32
N TYR A 201 -36.16 -25.86 17.88
CA TYR A 201 -37.50 -26.44 17.77
C TYR A 201 -37.53 -27.88 18.28
N LYS A 202 -36.53 -28.29 19.04
CA LYS A 202 -36.42 -29.67 19.50
C LYS A 202 -35.92 -29.66 20.94
N PHE A 203 -36.70 -30.22 21.85
CA PHE A 203 -36.32 -30.32 23.25
C PHE A 203 -36.78 -31.67 23.79
N VAL A 204 -35.89 -32.37 24.47
CA VAL A 204 -36.19 -33.67 25.08
C VAL A 204 -35.95 -33.56 26.57
N GLY A 205 -36.95 -33.90 27.37
CA GLY A 205 -36.80 -33.80 28.80
C GLY A 205 -37.87 -34.59 29.52
N ARG A 206 -37.77 -34.60 30.84
CA ARG A 206 -38.73 -35.29 31.69
C ARG A 206 -38.68 -34.66 33.07
N ILE A 207 -39.84 -34.41 33.66
CA ILE A 207 -39.93 -33.83 34.99
C ILE A 207 -40.56 -34.85 35.93
N ASN A 208 -40.00 -34.94 37.14
CA ASN A 208 -40.47 -35.85 38.18
C ASN A 208 -41.01 -35.02 39.33
N ILE A 209 -42.34 -34.88 39.41
CA ILE A 209 -42.97 -34.06 40.44
C ILE A 209 -43.15 -34.94 41.67
N TYR A 210 -42.32 -34.73 42.69
CA TYR A 210 -42.43 -35.47 43.95
C TYR A 210 -43.45 -34.82 44.86
N SER A 211 -44.23 -35.66 45.53
CA SER A 211 -45.27 -35.22 46.45
C SER A 211 -45.14 -36.00 47.75
N ASN A 212 -46.14 -35.86 48.62
CA ASN A 212 -46.15 -36.58 49.89
C ASN A 212 -46.68 -38.00 49.77
N SER A 213 -47.17 -38.39 48.60
CA SER A 213 -47.69 -39.75 48.41
C SER A 213 -46.60 -40.77 48.13
N LEU A 214 -45.34 -40.33 48.01
CA LEU A 214 -44.18 -41.19 47.79
C LEU A 214 -44.22 -41.81 46.39
N GLU A 215 -45.30 -41.57 45.65
CA GLU A 215 -45.45 -42.06 44.29
C GLU A 215 -45.26 -40.87 43.35
N ALA A 216 -44.01 -40.64 42.95
CA ALA A 216 -43.69 -39.53 42.07
C ALA A 216 -44.19 -39.81 40.66
N VAL A 217 -44.73 -38.78 40.03
CA VAL A 217 -45.17 -38.87 38.64
C VAL A 217 -44.03 -38.45 37.73
N ALA A 218 -44.09 -38.89 36.48
CA ALA A 218 -43.11 -38.53 35.47
C ALA A 218 -43.84 -38.05 34.23
N ARG A 219 -43.51 -36.83 33.78
CA ARG A 219 -44.11 -36.25 32.59
C ARG A 219 -43.01 -35.88 31.61
N SER A 220 -43.20 -36.25 30.34
CA SER A 220 -42.27 -35.88 29.30
C SER A 220 -42.41 -34.40 28.95
N LEU A 221 -41.30 -33.78 28.61
CA LEU A 221 -41.26 -32.38 28.22
C LEU A 221 -40.88 -32.25 26.75
N GLY A 222 -41.46 -31.26 26.09
CA GLY A 222 -41.14 -30.97 24.72
C GLY A 222 -40.89 -29.49 24.52
N PRO A 223 -40.67 -29.08 23.27
CA PRO A 223 -40.46 -27.65 22.99
C PRO A 223 -41.67 -26.78 23.33
N GLU A 224 -42.86 -27.37 23.47
CA GLU A 224 -44.02 -26.59 23.88
C GLU A 224 -43.94 -26.16 25.34
N ASN A 225 -43.07 -26.78 26.13
CA ASN A 225 -42.91 -26.42 27.53
C ASN A 225 -41.72 -25.52 27.79
N LEU A 226 -40.96 -25.16 26.76
CA LEU A 226 -39.70 -24.45 26.92
C LEU A 226 -39.86 -23.01 26.43
N LEU A 227 -39.61 -22.06 27.32
CA LEU A 227 -39.62 -20.64 26.99
C LEU A 227 -38.19 -20.20 26.77
N LEU A 228 -37.85 -19.89 25.53
CA LEU A 228 -36.47 -19.62 25.15
C LEU A 228 -36.06 -18.21 25.56
N LYS A 229 -34.77 -18.06 25.86
CA LYS A 229 -34.21 -16.74 26.10
C LYS A 229 -34.33 -15.88 24.86
N GLY A 230 -34.74 -14.63 25.04
CA GLY A 230 -34.93 -13.71 23.94
C GLY A 230 -36.36 -13.62 23.44
N ALA A 231 -37.21 -14.56 23.82
CA ALA A 231 -38.63 -14.47 23.50
C ALA A 231 -39.33 -13.57 24.50
N THR A 232 -40.53 -13.14 24.15
CA THR A 232 -41.29 -12.19 24.95
C THR A 232 -42.63 -12.77 25.33
N LEU A 233 -42.99 -12.66 26.60
CA LEU A 233 -44.32 -13.06 27.06
C LEU A 233 -45.36 -12.07 26.53
N LYS A 234 -46.40 -12.59 25.90
CA LYS A 234 -47.42 -11.78 25.25
C LYS A 234 -48.80 -12.17 25.76
N ASN A 235 -49.59 -11.16 26.14
CA ASN A 235 -51.00 -11.31 26.49
C ASN A 235 -51.20 -12.18 27.74
N THR A 236 -50.11 -12.60 28.37
CA THR A 236 -50.17 -13.36 29.61
C THR A 236 -49.69 -12.47 30.74
N GLU A 237 -50.50 -12.37 31.79
CA GLU A 237 -50.19 -11.44 32.88
C GLU A 237 -48.91 -11.82 33.59
N LYS A 238 -48.71 -13.11 33.87
CA LYS A 238 -47.56 -13.56 34.64
C LYS A 238 -47.41 -15.07 34.45
N ILE A 239 -46.15 -15.51 34.38
CA ILE A 239 -45.83 -16.94 34.28
C ILE A 239 -44.75 -17.25 35.31
N TYR A 240 -44.63 -18.54 35.61
CA TYR A 240 -43.57 -19.05 36.48
C TYR A 240 -42.79 -20.12 35.72
N GLY A 241 -41.47 -20.00 35.72
CA GLY A 241 -40.63 -20.96 35.05
C GLY A 241 -39.40 -21.28 35.87
N VAL A 242 -38.70 -22.34 35.47
CA VAL A 242 -37.48 -22.80 36.13
C VAL A 242 -36.37 -22.83 35.10
N ALA A 243 -35.22 -22.26 35.46
CA ALA A 243 -34.10 -22.18 34.54
C ALA A 243 -33.47 -23.55 34.32
N VAL A 244 -33.31 -23.94 33.05
CA VAL A 244 -32.70 -25.21 32.71
C VAL A 244 -31.41 -24.95 31.94
N TYR A 245 -31.35 -23.82 31.25
CA TYR A 245 -30.15 -23.41 30.52
C TYR A 245 -29.90 -21.93 30.79
N THR A 246 -28.65 -21.60 31.09
CA THR A 246 -28.26 -20.23 31.42
C THR A 246 -27.20 -19.73 30.45
N GLY A 247 -26.96 -18.42 30.49
CA GLY A 247 -26.18 -17.69 29.50
C GLY A 247 -24.93 -18.38 28.99
N MET A 248 -24.74 -18.33 27.67
CA MET A 248 -23.77 -19.07 26.87
C MET A 248 -24.18 -20.52 26.66
N GLU A 249 -25.26 -20.98 27.30
CA GLU A 249 -25.81 -22.30 27.02
C GLU A 249 -27.29 -22.24 26.66
N THR A 250 -27.88 -21.05 26.59
CA THR A 250 -29.22 -20.92 26.03
C THR A 250 -29.14 -21.06 24.51
N LYS A 251 -30.29 -21.36 23.90
CA LYS A 251 -30.32 -21.56 22.46
C LYS A 251 -29.98 -20.29 21.70
N MET A 252 -30.37 -19.12 22.23
CA MET A 252 -29.96 -17.85 21.62
C MET A 252 -28.45 -17.70 21.60
N ALA A 253 -27.79 -18.05 22.72
CA ALA A 253 -26.34 -17.93 22.76
C ALA A 253 -25.66 -18.98 21.89
N LEU A 254 -26.25 -20.18 21.80
CA LEU A 254 -25.71 -21.23 20.95
C LEU A 254 -25.94 -20.96 19.46
N ASN A 255 -26.90 -20.11 19.12
CA ASN A 255 -27.09 -19.68 17.74
C ASN A 255 -26.28 -18.44 17.41
N TYR A 256 -25.54 -17.91 18.37
CA TYR A 256 -24.60 -16.81 18.14
C TYR A 256 -23.21 -17.40 17.95
N GLN A 257 -22.45 -16.81 17.03
CA GLN A 257 -21.13 -17.32 16.69
C GLN A 257 -19.99 -16.37 17.04
N GLY A 258 -20.19 -15.07 16.93
CA GLY A 258 -19.12 -14.12 17.13
C GLY A 258 -18.38 -13.84 15.84
N LYS A 259 -17.88 -12.62 15.68
CA LYS A 259 -17.29 -12.22 14.41
C LYS A 259 -15.81 -12.56 14.37
N SER A 260 -15.39 -13.28 13.34
CA SER A 260 -13.99 -13.35 12.99
C SER A 260 -13.57 -12.06 12.30
N GLN A 261 -12.26 -11.82 12.24
CA GLN A 261 -11.76 -10.63 11.58
C GLN A 261 -12.11 -10.65 10.10
N LYS A 262 -12.62 -9.53 9.60
CA LYS A 262 -13.03 -9.40 8.21
C LYS A 262 -11.95 -8.68 7.43
N ARG A 263 -11.46 -9.33 6.37
CA ARG A 263 -10.41 -8.77 5.52
C ARG A 263 -10.91 -8.73 4.08
N SER A 264 -10.71 -7.59 3.43
CA SER A 264 -11.15 -7.41 2.06
C SER A 264 -10.26 -8.18 1.08
N ALA A 265 -10.81 -8.43 -0.10
CA ALA A 265 -10.02 -8.99 -1.19
C ALA A 265 -8.88 -8.05 -1.58
N VAL A 266 -9.10 -6.75 -1.47
CA VAL A 266 -8.04 -5.78 -1.73
C VAL A 266 -6.94 -5.89 -0.66
N GLU A 267 -7.32 -6.11 0.60
CA GLU A 267 -6.31 -6.30 1.64
C GLU A 267 -5.51 -7.58 1.40
N LYS A 268 -6.18 -8.65 0.99
CA LYS A 268 -5.46 -9.88 0.68
C LYS A 268 -4.52 -9.69 -0.51
N SER A 269 -4.95 -8.93 -1.51
CA SER A 269 -4.07 -8.62 -2.64
C SER A 269 -2.89 -7.77 -2.20
N ILE A 270 -3.12 -6.84 -1.27
CA ILE A 270 -2.03 -6.04 -0.73
C ILE A 270 -1.01 -6.94 -0.05
N ASN A 271 -1.49 -7.92 0.72
CA ASN A 271 -0.58 -8.87 1.38
C ASN A 271 0.22 -9.66 0.35
N ALA A 272 -0.43 -10.14 -0.71
CA ALA A 272 0.29 -10.89 -1.74
C ALA A 272 1.33 -10.03 -2.45
N PHE A 273 0.97 -8.79 -2.78
CA PHE A 273 1.91 -7.87 -3.43
C PHE A 273 3.08 -7.58 -2.51
N LEU A 274 2.82 -7.43 -1.21
CA LEU A 274 3.89 -7.21 -0.25
C LEU A 274 4.83 -8.40 -0.19
N ILE A 275 4.29 -9.62 -0.27
CA ILE A 275 5.15 -10.81 -0.29
C ILE A 275 6.03 -10.80 -1.53
N VAL A 276 5.46 -10.50 -2.69
CA VAL A 276 6.24 -10.47 -3.93
C VAL A 276 7.34 -9.43 -3.85
N TYR A 277 7.03 -8.24 -3.35
CA TYR A 277 8.02 -7.18 -3.27
C TYR A 277 9.04 -7.43 -2.18
N LEU A 278 8.67 -8.17 -1.13
CA LEU A 278 9.65 -8.61 -0.14
C LEU A 278 10.66 -9.56 -0.75
N PHE A 279 10.19 -10.47 -1.60
CA PHE A 279 11.11 -11.33 -2.34
C PHE A 279 12.01 -10.49 -3.24
N ILE A 280 11.45 -9.48 -3.91
CA ILE A 280 12.24 -8.62 -4.78
C ILE A 280 13.32 -7.89 -3.98
N LEU A 281 12.95 -7.34 -2.83
CA LEU A 281 13.89 -6.61 -1.98
C LEU A 281 15.02 -7.52 -1.50
N LEU A 282 14.66 -8.72 -1.04
CA LEU A 282 15.68 -9.65 -0.56
C LEU A 282 16.62 -10.07 -1.69
N THR A 283 16.07 -10.31 -2.88
CA THR A 283 16.89 -10.67 -4.03
C THR A 283 17.85 -9.55 -4.41
N LYS A 284 17.36 -8.30 -4.41
CA LYS A 284 18.22 -7.17 -4.73
C LYS A 284 19.34 -7.04 -3.71
N ALA A 285 19.01 -7.14 -2.42
CA ALA A 285 20.03 -7.02 -1.38
C ALA A 285 21.06 -8.13 -1.48
N ALA A 286 20.61 -9.37 -1.71
CA ALA A 286 21.54 -10.49 -1.81
C ALA A 286 22.45 -10.35 -3.02
N VAL A 287 21.90 -9.95 -4.16
CA VAL A 287 22.71 -9.73 -5.36
C VAL A 287 23.75 -8.65 -5.10
N CYS A 288 23.33 -7.55 -4.47
CA CYS A 288 24.24 -6.45 -4.21
C CYS A 288 25.37 -6.85 -3.27
N THR A 289 25.04 -7.61 -2.22
CA THR A 289 26.06 -8.05 -1.27
C THR A 289 27.05 -9.03 -1.90
N THR A 290 26.53 -10.00 -2.67
CA THR A 290 27.39 -10.95 -3.34
C THR A 290 28.32 -10.25 -4.32
N LEU A 291 27.79 -9.33 -5.12
CA LEU A 291 28.61 -8.61 -6.09
C LEU A 291 29.58 -7.67 -5.40
N LYS A 292 29.20 -7.10 -4.24
CA LYS A 292 30.11 -6.26 -3.48
C LYS A 292 31.30 -7.04 -2.98
N TYR A 293 31.10 -8.25 -2.48
CA TYR A 293 32.21 -9.04 -1.98
C TYR A 293 32.99 -9.73 -3.09
N VAL A 294 32.40 -9.91 -4.27
CA VAL A 294 33.19 -10.30 -5.44
C VAL A 294 34.06 -9.13 -5.89
N TRP A 295 33.51 -7.91 -5.89
CA TRP A 295 34.25 -6.73 -6.30
C TRP A 295 35.42 -6.45 -5.35
N GLN A 296 35.17 -6.55 -4.05
CA GLN A 296 36.17 -6.24 -3.04
C GLN A 296 37.26 -7.30 -2.94
N SER A 297 37.10 -8.46 -3.61
CA SER A 297 38.16 -9.45 -3.63
C SER A 297 39.40 -8.96 -4.36
N THR A 298 39.29 -7.86 -5.09
CA THR A 298 40.46 -7.18 -5.64
C THR A 298 41.00 -6.20 -4.60
N PRO A 299 42.26 -6.35 -4.17
CA PRO A 299 42.78 -5.52 -3.07
C PRO A 299 42.89 -4.04 -3.39
N TYR A 300 42.88 -3.64 -4.66
CA TYR A 300 42.77 -2.22 -4.98
C TYR A 300 41.34 -1.79 -5.20
N ASN A 301 40.43 -2.72 -5.45
CA ASN A 301 39.01 -2.39 -5.47
C ASN A 301 38.52 -2.05 -4.08
N ASP A 302 38.88 -2.85 -3.09
CA ASP A 302 38.60 -2.49 -1.70
C ASP A 302 39.85 -1.85 -1.10
N GLU A 303 39.69 -0.66 -0.55
CA GLU A 303 40.78 0.16 -0.04
C GLU A 303 41.83 0.46 -1.10
N PRO A 304 41.53 1.32 -2.07
CA PRO A 304 42.61 1.97 -2.85
C PRO A 304 43.31 3.01 -1.99
N TRP A 305 44.41 3.55 -2.52
CA TRP A 305 45.17 4.52 -1.73
C TRP A 305 44.37 5.79 -1.47
N TYR A 306 43.48 6.17 -2.39
CA TYR A 306 42.71 7.39 -2.22
C TYR A 306 41.48 7.21 -1.35
N ASN A 307 41.03 5.97 -1.13
CA ASN A 307 39.87 5.68 -0.27
C ASN A 307 40.28 4.59 0.72
N GLN A 308 40.89 5.00 1.82
CA GLN A 308 41.37 4.07 2.83
C GLN A 308 40.36 3.93 3.95
N LYS A 309 40.34 2.75 4.56
CA LYS A 309 39.48 2.49 5.70
C LYS A 309 40.14 2.94 6.99
N THR A 310 39.33 3.13 8.01
CA THR A 310 39.86 3.32 9.35
C THR A 310 40.27 1.99 9.95
N GLN A 311 40.90 2.05 11.13
CA GLN A 311 41.32 0.83 11.80
C GLN A 311 40.13 -0.01 12.23
N LYS A 312 39.02 0.62 12.63
CA LYS A 312 37.85 -0.12 13.08
C LYS A 312 37.25 -0.94 11.94
N GLU A 313 37.12 -0.35 10.74
CA GLU A 313 36.57 -1.09 9.62
C GLU A 313 37.49 -2.23 9.20
N ARG A 314 38.80 -2.05 9.33
CA ARG A 314 39.73 -3.12 9.00
C ARG A 314 39.67 -4.24 10.04
N GLU A 315 39.42 -3.89 11.29
CA GLU A 315 39.43 -4.90 12.36
C GLU A 315 38.02 -5.40 12.64
N THR A 316 37.10 -5.20 11.72
CA THR A 316 35.70 -5.63 11.93
C THR A 316 35.60 -7.02 11.38
N LEU A 317 34.95 -7.92 12.13
CA LEU A 317 34.86 -9.30 11.69
C LEU A 317 34.17 -9.41 10.34
N LYS A 318 34.70 -10.29 9.49
CA LYS A 318 34.27 -10.34 8.10
C LYS A 318 32.82 -10.79 7.96
N VAL A 319 32.42 -11.80 8.75
CA VAL A 319 31.05 -12.30 8.68
C VAL A 319 30.06 -11.24 9.17
N LEU A 320 30.40 -10.58 10.28
CA LEU A 320 29.54 -9.51 10.79
C LEU A 320 29.44 -8.37 9.77
N LYS A 321 30.54 -8.06 9.08
CA LYS A 321 30.51 -7.02 8.07
C LYS A 321 29.65 -7.43 6.88
N MET A 322 29.69 -8.71 6.49
CA MET A 322 28.82 -9.19 5.42
C MET A 322 27.35 -9.02 5.80
N PHE A 323 27.00 -9.43 7.03
CA PHE A 323 25.62 -9.28 7.48
C PHE A 323 25.20 -7.81 7.53
N THR A 324 26.08 -6.95 8.03
CA THR A 324 25.78 -5.53 8.11
C THR A 324 25.62 -4.91 6.72
N ASP A 325 26.43 -5.34 5.76
CA ASP A 325 26.30 -4.85 4.40
C ASP A 325 24.99 -5.29 3.77
N PHE A 326 24.58 -6.53 4.03
CA PHE A 326 23.26 -6.97 3.56
C PHE A 326 22.16 -6.11 4.14
N LEU A 327 22.24 -5.81 5.44
CA LEU A 327 21.22 -4.97 6.06
C LEU A 327 21.24 -3.55 5.49
N SER A 328 22.43 -3.03 5.19
CA SER A 328 22.54 -1.70 4.60
C SER A 328 21.90 -1.65 3.22
N PHE A 329 22.10 -2.69 2.42
CA PHE A 329 21.42 -2.76 1.13
C PHE A 329 19.90 -2.87 1.32
N MET A 330 19.48 -3.63 2.33
CA MET A 330 18.06 -3.76 2.63
C MET A 330 17.43 -2.41 2.91
N VAL A 331 18.07 -1.60 3.76
CA VAL A 331 17.49 -0.30 4.08
C VAL A 331 17.66 0.69 2.93
N LEU A 332 18.68 0.50 2.09
CA LEU A 332 18.81 1.35 0.91
C LEU A 332 17.66 1.13 -0.07
N PHE A 333 17.24 -0.13 -0.24
CA PHE A 333 16.19 -0.46 -1.20
C PHE A 333 14.82 -0.66 -0.55
N ASN A 334 14.66 -0.38 0.74
CA ASN A 334 13.40 -0.77 1.44
C ASN A 334 12.18 0.00 0.95
N PHE A 335 12.38 1.09 0.24
CA PHE A 335 11.23 1.91 -0.14
C PHE A 335 10.26 1.20 -1.05
N ILE A 336 10.67 0.13 -1.73
CA ILE A 336 9.76 -0.60 -2.62
C ILE A 336 8.64 -1.29 -1.87
N ILE A 337 8.72 -1.35 -0.54
CA ILE A 337 7.58 -1.71 0.29
C ILE A 337 7.21 -0.46 1.07
N PRO A 338 6.25 0.33 0.58
CA PRO A 338 5.99 1.64 1.21
C PRO A 338 5.00 1.54 2.36
N VAL A 339 5.43 2.02 3.53
CA VAL A 339 4.52 2.18 4.66
C VAL A 339 3.61 3.39 4.47
N SER A 340 4.03 4.35 3.64
CA SER A 340 3.15 5.45 3.26
C SER A 340 1.91 4.93 2.55
N MET A 341 2.01 3.80 1.86
CA MET A 341 0.82 3.20 1.25
C MET A 341 -0.19 2.80 2.30
N TYR A 342 0.27 2.20 3.40
CA TYR A 342 -0.64 1.81 4.47
C TYR A 342 -1.24 3.04 5.15
N VAL A 343 -0.43 4.07 5.35
CA VAL A 343 -0.94 5.32 5.93
C VAL A 343 -2.03 5.92 5.03
N THR A 344 -1.74 5.98 3.72
CA THR A 344 -2.70 6.54 2.78
C THR A 344 -3.95 5.68 2.66
N VAL A 345 -3.81 4.35 2.76
CA VAL A 345 -4.98 3.48 2.73
C VAL A 345 -5.87 3.73 3.93
N GLU A 346 -5.26 3.87 5.12
CA GLU A 346 -6.06 4.19 6.31
C GLU A 346 -6.80 5.51 6.12
N MET A 347 -6.09 6.54 5.64
CA MET A 347 -6.71 7.85 5.46
C MET A 347 -7.84 7.80 4.44
N GLN A 348 -7.61 7.11 3.31
CA GLN A 348 -8.62 7.03 2.27
C GLN A 348 -9.83 6.23 2.72
N LYS A 349 -9.60 5.14 3.46
CA LYS A 349 -10.72 4.36 3.97
C LYS A 349 -11.56 5.17 4.93
N PHE A 350 -10.92 5.93 5.82
CA PHE A 350 -11.67 6.74 6.76
C PHE A 350 -12.44 7.85 6.05
N LEU A 351 -11.78 8.57 5.14
CA LEU A 351 -12.41 9.75 4.54
C LEU A 351 -13.47 9.36 3.53
N GLY A 352 -13.23 8.30 2.74
CA GLY A 352 -14.17 7.91 1.71
C GLY A 352 -15.46 7.32 2.22
N SER A 353 -15.45 6.79 3.44
CA SER A 353 -16.66 6.23 4.03
C SER A 353 -17.74 7.28 4.28
N PHE A 354 -17.37 8.56 4.31
CA PHE A 354 -18.34 9.62 4.56
C PHE A 354 -19.31 9.82 3.42
N PHE A 355 -18.99 9.34 2.21
CA PHE A 355 -19.90 9.49 1.09
C PHE A 355 -21.17 8.65 1.27
N ILE A 356 -21.03 7.46 1.85
CA ILE A 356 -22.20 6.64 2.15
C ILE A 356 -23.11 7.34 3.15
N SER A 357 -22.52 7.90 4.21
CA SER A 357 -23.32 8.55 5.24
C SER A 357 -23.88 9.89 4.78
N TRP A 358 -23.23 10.53 3.80
CA TRP A 358 -23.75 11.79 3.28
C TRP A 358 -24.81 11.59 2.21
N ASP A 359 -24.78 10.44 1.53
CA ASP A 359 -25.64 10.21 0.38
C ASP A 359 -27.10 10.45 0.70
N LYS A 360 -27.70 11.44 0.02
CA LYS A 360 -29.09 11.79 0.22
C LYS A 360 -30.03 10.76 -0.40
N ASP A 361 -29.53 9.88 -1.26
CA ASP A 361 -30.36 8.82 -1.83
C ASP A 361 -30.63 7.70 -0.84
N PHE A 362 -29.90 7.65 0.27
CA PHE A 362 -30.16 6.69 1.33
C PHE A 362 -31.03 7.26 2.44
N TYR A 363 -31.43 8.53 2.36
CA TYR A 363 -32.20 9.14 3.42
C TYR A 363 -33.67 8.71 3.32
N ASP A 364 -34.25 8.33 4.45
CA ASP A 364 -35.63 7.87 4.54
C ASP A 364 -36.40 8.82 5.44
N GLU A 365 -37.50 9.36 4.91
CA GLU A 365 -38.31 10.32 5.67
C GLU A 365 -39.11 9.69 6.79
N GLU A 366 -39.48 8.40 6.65
CA GLU A 366 -40.29 7.76 7.68
C GLU A 366 -39.53 7.65 9.00
N ILE A 367 -38.25 7.27 8.95
CA ILE A 367 -37.43 7.16 10.15
C ILE A 367 -36.52 8.35 10.35
N ASN A 368 -36.50 9.29 9.40
CA ASN A 368 -35.65 10.47 9.46
C ASN A 368 -34.19 10.08 9.68
N GLU A 369 -33.73 9.13 8.87
CA GLU A 369 -32.37 8.62 8.99
C GLU A 369 -31.84 8.27 7.61
N GLY A 370 -30.52 8.34 7.46
CA GLY A 370 -29.86 7.91 6.26
C GLY A 370 -29.04 6.66 6.50
N ALA A 371 -28.00 6.44 5.69
CA ALA A 371 -27.17 5.27 5.83
C ALA A 371 -26.17 5.45 6.97
N LEU A 372 -25.74 4.33 7.54
CA LEU A 372 -24.80 4.31 8.65
C LEU A 372 -23.58 3.49 8.26
N VAL A 373 -22.40 3.99 8.61
CA VAL A 373 -21.14 3.29 8.40
C VAL A 373 -20.60 2.88 9.76
N ASN A 374 -20.48 1.57 9.98
CA ASN A 374 -19.87 1.06 11.20
C ASN A 374 -18.39 0.71 11.01
N THR A 375 -18.03 0.15 9.87
CA THR A 375 -16.66 -0.16 9.52
C THR A 375 -16.31 0.57 8.22
N SER A 376 -15.17 1.24 8.20
CA SER A 376 -14.67 1.86 6.98
C SER A 376 -13.65 0.97 6.26
N ASP A 377 -13.41 -0.24 6.76
CA ASP A 377 -12.42 -1.15 6.19
C ASP A 377 -12.98 -2.03 5.08
N LEU A 378 -14.26 -1.93 4.75
CA LEU A 378 -14.89 -2.80 3.78
C LEU A 378 -15.54 -2.04 2.62
N ASN A 379 -15.09 -0.81 2.35
CA ASN A 379 -15.69 -0.02 1.28
C ASN A 379 -15.50 -0.69 -0.07
N GLU A 380 -14.30 -1.21 -0.33
CA GLU A 380 -14.00 -1.86 -1.61
C GLU A 380 -14.69 -3.21 -1.74
N GLU A 381 -15.05 -3.84 -0.63
CA GLU A 381 -15.75 -5.11 -0.67
C GLU A 381 -17.18 -4.96 -1.21
N LEU A 382 -17.76 -3.76 -1.11
CA LEU A 382 -19.09 -3.51 -1.65
C LEU A 382 -19.11 -3.59 -3.17
N GLY A 383 -17.97 -3.48 -3.83
CA GLY A 383 -17.86 -3.61 -5.26
C GLY A 383 -17.48 -5.00 -5.76
N GLN A 384 -17.39 -5.98 -4.87
CA GLN A 384 -16.92 -7.31 -5.23
C GLN A 384 -17.90 -8.42 -4.87
N VAL A 385 -19.15 -8.07 -4.56
CA VAL A 385 -20.13 -9.06 -4.09
C VAL A 385 -20.43 -10.07 -5.19
N ASP A 386 -20.62 -11.32 -4.80
CA ASP A 386 -21.04 -12.40 -5.68
C ASP A 386 -22.36 -13.01 -5.28
N TYR A 387 -22.60 -13.19 -3.98
CA TYR A 387 -23.81 -13.81 -3.46
C TYR A 387 -24.48 -12.84 -2.50
N VAL A 388 -25.81 -12.75 -2.59
CA VAL A 388 -26.61 -11.96 -1.67
C VAL A 388 -27.53 -12.91 -0.91
N PHE A 389 -27.39 -12.93 0.40
CA PHE A 389 -28.26 -13.70 1.29
C PHE A 389 -29.17 -12.72 2.01
N THR A 390 -30.46 -12.74 1.69
CA THR A 390 -31.39 -11.76 2.19
C THR A 390 -32.40 -12.42 3.13
N ASP A 391 -32.67 -11.75 4.24
CA ASP A 391 -33.80 -12.07 5.09
C ASP A 391 -35.10 -11.62 4.41
N LYS A 392 -36.20 -12.25 4.80
CA LYS A 392 -37.48 -11.96 4.14
C LYS A 392 -38.29 -10.90 4.87
N THR A 393 -38.70 -11.18 6.10
CA THR A 393 -39.66 -10.33 6.79
C THR A 393 -38.99 -9.07 7.30
N GLY A 394 -39.54 -7.91 6.93
CA GLY A 394 -38.96 -6.63 7.26
C GLY A 394 -37.83 -6.21 6.37
N THR A 395 -37.34 -7.10 5.52
CA THR A 395 -36.28 -6.81 4.56
C THR A 395 -36.82 -6.78 3.14
N LEU A 396 -37.48 -7.85 2.71
CA LEU A 396 -38.15 -7.88 1.43
C LEU A 396 -39.61 -7.44 1.50
N THR A 397 -40.20 -7.45 2.69
CA THR A 397 -41.60 -7.12 2.87
C THR A 397 -41.73 -6.02 3.91
N GLU A 398 -42.93 -5.45 3.98
CA GLU A 398 -43.24 -4.41 4.95
C GLU A 398 -43.94 -5.01 6.18
N LYS A 633 -47.02 -7.73 1.47
CA LYS A 633 -46.72 -6.51 0.73
C LYS A 633 -45.21 -6.24 0.75
N LEU A 634 -44.60 -6.24 -0.43
CA LEU A 634 -43.16 -6.06 -0.53
C LEU A 634 -42.77 -4.63 -0.21
N GLN A 635 -41.46 -4.41 -0.10
CA GLN A 635 -40.94 -3.07 0.07
C GLN A 635 -41.05 -2.31 -1.26
N ASP A 636 -40.55 -1.07 -1.25
CA ASP A 636 -40.90 -0.12 -2.31
C ASP A 636 -40.46 -0.60 -3.69
N GLN A 637 -39.21 -1.05 -3.82
CA GLN A 637 -38.67 -1.52 -5.09
C GLN A 637 -37.91 -2.82 -4.91
N ALA A 638 -38.52 -3.77 -4.19
CA ALA A 638 -37.83 -5.03 -3.90
C ALA A 638 -37.58 -5.84 -5.16
N ALA A 639 -38.62 -6.00 -5.99
CA ALA A 639 -38.48 -6.78 -7.22
C ALA A 639 -37.49 -6.13 -8.18
N GLU A 640 -37.54 -4.80 -8.30
CA GLU A 640 -36.62 -4.09 -9.17
C GLU A 640 -35.19 -4.18 -8.66
N THR A 641 -34.99 -4.11 -7.35
CA THR A 641 -33.67 -4.28 -6.78
C THR A 641 -33.13 -5.68 -7.05
N ILE A 642 -33.98 -6.69 -6.92
CA ILE A 642 -33.56 -8.07 -7.22
C ILE A 642 -33.21 -8.22 -8.70
N GLU A 643 -33.99 -7.58 -9.57
CA GLU A 643 -33.68 -7.59 -11.00
C GLU A 643 -32.33 -6.94 -11.30
N ALA A 644 -32.05 -5.81 -10.65
CA ALA A 644 -30.76 -5.15 -10.85
C ALA A 644 -29.61 -5.99 -10.31
N LEU A 645 -29.81 -6.66 -9.17
CA LEU A 645 -28.79 -7.54 -8.63
C LEU A 645 -28.52 -8.72 -9.56
N HIS A 646 -29.58 -9.26 -10.18
CA HIS A 646 -29.41 -10.31 -11.17
C HIS A 646 -28.66 -9.81 -12.40
N ALA A 647 -28.99 -8.60 -12.87
CA ALA A 647 -28.31 -8.03 -14.02
C ALA A 647 -26.86 -7.70 -13.71
N ALA A 648 -26.52 -7.47 -12.44
CA ALA A 648 -25.13 -7.30 -12.04
C ALA A 648 -24.37 -8.63 -11.96
N GLY A 649 -25.06 -9.75 -12.16
CA GLY A 649 -24.43 -11.05 -12.09
C GLY A 649 -24.41 -11.68 -10.72
N LEU A 650 -25.24 -11.23 -9.81
CA LEU A 650 -25.24 -11.71 -8.43
C LEU A 650 -26.33 -12.75 -8.22
N LYS A 651 -26.06 -13.67 -7.31
CA LYS A 651 -27.01 -14.70 -6.92
C LYS A 651 -27.69 -14.26 -5.63
N VAL A 652 -29.03 -14.34 -5.62
CA VAL A 652 -29.83 -13.88 -4.49
C VAL A 652 -30.52 -15.10 -3.89
N TRP A 653 -30.20 -15.39 -2.63
CA TRP A 653 -30.83 -16.47 -1.88
C TRP A 653 -31.58 -15.87 -0.71
N VAL A 654 -32.73 -16.44 -0.39
CA VAL A 654 -33.56 -15.99 0.73
C VAL A 654 -33.36 -16.96 1.89
N LEU A 655 -32.91 -16.46 3.02
CA LEU A 655 -32.75 -17.26 4.26
C LEU A 655 -33.75 -16.67 5.26
N THR A 656 -34.75 -17.44 5.67
CA THR A 656 -35.83 -16.89 6.53
C THR A 656 -36.17 -17.84 7.64
N GLY A 657 -36.51 -17.31 8.81
CA GLY A 657 -37.04 -18.13 9.89
C GLY A 657 -38.55 -18.29 9.75
N ASP A 658 -39.14 -17.80 8.65
CA ASP A 658 -40.57 -17.95 8.46
C ASP A 658 -40.91 -19.29 7.82
N LYS A 659 -42.20 -19.56 7.71
CA LYS A 659 -42.70 -20.82 7.20
C LYS A 659 -42.61 -20.87 5.67
N MET A 660 -42.68 -22.10 5.15
CA MET A 660 -42.43 -22.35 3.75
C MET A 660 -43.44 -21.66 2.84
N GLU A 661 -44.73 -21.73 3.19
CA GLU A 661 -45.77 -21.23 2.29
C GLU A 661 -45.66 -19.72 2.12
N THR A 662 -45.55 -18.98 3.22
CA THR A 662 -45.41 -17.53 3.13
C THR A 662 -44.09 -17.13 2.49
N ALA A 663 -43.00 -17.84 2.80
CA ALA A 663 -41.72 -17.53 2.16
C ALA A 663 -41.79 -17.74 0.65
N LYS A 664 -42.42 -18.83 0.21
CA LYS A 664 -42.56 -19.12 -1.20
C LYS A 664 -43.46 -18.10 -1.90
N SER A 665 -44.54 -17.69 -1.25
CA SER A 665 -45.39 -16.65 -1.82
C SER A 665 -44.63 -15.34 -1.99
N THR A 666 -43.81 -14.97 -1.00
CA THR A 666 -42.99 -13.78 -1.13
C THR A 666 -42.00 -13.92 -2.29
N CYS A 667 -41.39 -15.10 -2.43
CA CYS A 667 -40.44 -15.31 -3.52
C CYS A 667 -41.12 -15.21 -4.88
N TYR A 668 -42.37 -15.66 -4.99
CA TYR A 668 -43.11 -15.48 -6.24
C TYR A 668 -43.45 -14.01 -6.48
N ALA A 669 -43.79 -13.28 -5.41
CA ALA A 669 -44.08 -11.85 -5.54
C ALA A 669 -42.84 -11.06 -5.93
N CYS A 670 -41.69 -11.41 -5.34
CA CYS A 670 -40.44 -10.74 -5.69
C CYS A 670 -39.91 -11.13 -7.05
N ARG A 671 -40.54 -12.11 -7.70
CA ARG A 671 -40.13 -12.63 -9.01
C ARG A 671 -38.77 -13.33 -8.94
N LEU A 672 -38.41 -13.84 -7.76
CA LEU A 672 -37.31 -14.79 -7.67
C LEU A 672 -37.71 -16.13 -8.27
N PHE A 673 -38.95 -16.54 -8.04
CA PHE A 673 -39.55 -17.70 -8.70
C PHE A 673 -40.59 -17.22 -9.69
N GLN A 674 -40.57 -17.77 -10.89
CA GLN A 674 -41.53 -17.44 -11.93
C GLN A 674 -42.45 -18.61 -12.18
N THR A 675 -43.45 -18.40 -13.05
CA THR A 675 -44.34 -19.49 -13.42
C THR A 675 -43.62 -20.59 -14.19
N ASN A 676 -42.48 -20.28 -14.81
CA ASN A 676 -41.68 -21.25 -15.53
C ASN A 676 -40.65 -21.95 -14.65
N THR A 677 -40.40 -21.45 -13.44
CA THR A 677 -39.42 -22.06 -12.56
C THR A 677 -39.97 -23.36 -11.98
N GLU A 678 -39.19 -24.43 -12.06
CA GLU A 678 -39.56 -25.72 -11.49
C GLU A 678 -38.88 -25.87 -10.14
N LEU A 679 -39.68 -26.07 -9.10
CA LEU A 679 -39.19 -26.02 -7.72
C LEU A 679 -38.81 -27.41 -7.25
N LEU A 680 -37.59 -27.54 -6.75
CA LEU A 680 -37.11 -28.75 -6.12
C LEU A 680 -37.18 -28.57 -4.60
N GLU A 681 -37.88 -29.47 -3.93
CA GLU A 681 -38.31 -29.28 -2.55
C GLU A 681 -37.64 -30.30 -1.64
N LEU A 682 -36.67 -29.84 -0.85
CA LEU A 682 -36.06 -30.66 0.19
C LEU A 682 -36.63 -30.24 1.54
N THR A 683 -37.85 -30.67 1.82
CA THR A 683 -38.59 -30.28 3.02
C THR A 683 -39.08 -31.52 3.76
N THR A 684 -39.77 -31.28 4.87
CA THR A 684 -40.37 -32.34 5.66
C THR A 684 -41.55 -33.02 4.96
N LYS A 685 -42.16 -32.36 3.98
CA LYS A 685 -43.24 -32.99 3.23
C LYS A 685 -42.69 -34.02 2.24
N THR A 686 -41.60 -33.69 1.56
CA THR A 686 -41.02 -34.58 0.57
C THR A 686 -40.08 -35.61 1.17
N ILE A 687 -39.58 -35.36 2.38
CA ILE A 687 -38.65 -36.26 3.06
C ILE A 687 -39.19 -36.55 4.45
N GLU A 688 -39.22 -37.83 4.81
CA GLU A 688 -39.63 -38.25 6.15
C GLU A 688 -38.52 -38.97 6.92
N GLU A 689 -37.45 -39.38 6.25
CA GLU A 689 -36.32 -40.03 6.91
C GLU A 689 -35.06 -39.72 6.12
N SER A 690 -33.91 -39.93 6.77
CA SER A 690 -32.63 -39.61 6.15
C SER A 690 -32.30 -40.49 4.95
N GLU A 691 -32.95 -41.65 4.82
CA GLU A 691 -32.71 -42.50 3.66
C GLU A 691 -33.30 -41.92 2.38
N ARG A 692 -34.47 -41.30 2.45
CA ARG A 692 -35.10 -40.65 1.31
C ARG A 692 -34.41 -39.35 0.92
N LYS A 693 -33.78 -38.68 1.89
CA LYS A 693 -33.01 -37.48 1.61
C LYS A 693 -31.92 -37.73 0.59
N GLU A 694 -31.17 -38.81 0.75
CA GLU A 694 -30.08 -39.09 -0.18
C GLU A 694 -30.62 -39.41 -1.57
N ASP A 695 -31.74 -40.12 -1.63
CA ASP A 695 -32.39 -40.38 -2.91
C ASP A 695 -32.80 -39.08 -3.59
N ARG A 696 -33.39 -38.15 -2.82
CA ARG A 696 -33.78 -36.87 -3.40
C ARG A 696 -32.58 -36.11 -3.92
N LEU A 697 -31.49 -36.08 -3.15
CA LEU A 697 -30.29 -35.38 -3.58
C LEU A 697 -29.72 -35.99 -4.85
N HIS A 698 -29.65 -37.33 -4.91
CA HIS A 698 -29.15 -37.99 -6.11
C HIS A 698 -30.04 -37.72 -7.31
N GLU A 699 -31.36 -37.74 -7.12
CA GLU A 699 -32.27 -37.52 -8.24
C GLU A 699 -32.16 -36.08 -8.77
N LEU A 700 -32.13 -35.11 -7.86
CA LEU A 700 -31.95 -33.73 -8.29
C LEU A 700 -30.57 -33.50 -8.89
N LEU A 701 -29.61 -34.39 -8.61
CA LEU A 701 -28.30 -34.28 -9.26
C LEU A 701 -28.32 -34.88 -10.67
N ILE A 702 -28.65 -36.16 -10.80
CA ILE A 702 -28.24 -36.96 -11.95
C ILE A 702 -29.35 -37.16 -12.98
N GLU A 703 -30.58 -36.75 -12.68
CA GLU A 703 -31.67 -36.97 -13.63
C GLU A 703 -32.56 -35.74 -13.82
N TYR A 704 -32.23 -34.62 -13.21
CA TYR A 704 -33.08 -33.45 -13.30
C TYR A 704 -32.35 -32.18 -13.71
N ARG A 705 -31.11 -32.02 -13.25
CA ARG A 705 -30.47 -30.71 -13.20
C ARG A 705 -29.12 -30.68 -13.90
N LYS A 706 -28.30 -31.71 -13.72
CA LYS A 706 -27.01 -31.80 -14.38
C LYS A 706 -27.13 -32.43 -15.76
N LYS A 707 -28.13 -33.27 -15.98
CA LYS A 707 -28.36 -33.91 -17.27
C LYS A 707 -29.24 -33.05 -18.18
N LEU A 708 -29.23 -31.74 -17.99
CA LEU A 708 -30.03 -30.84 -18.81
C LEU A 708 -29.48 -30.76 -20.23
N GLU A 725 -30.85 -23.19 -19.60
CA GLU A 725 -31.96 -23.50 -18.72
C GLU A 725 -31.60 -23.33 -17.25
N HIS A 726 -30.88 -22.24 -16.95
CA HIS A 726 -30.55 -21.94 -15.56
C HIS A 726 -31.75 -21.42 -14.79
N GLN A 727 -32.54 -20.54 -15.40
CA GLN A 727 -33.76 -20.02 -14.80
C GLN A 727 -34.85 -21.07 -14.64
N GLU A 728 -34.57 -22.32 -15.04
CA GLU A 728 -35.57 -23.37 -15.03
C GLU A 728 -35.85 -23.92 -13.63
N TYR A 729 -34.92 -23.81 -12.70
CA TYR A 729 -35.02 -24.53 -11.44
C TYR A 729 -34.86 -23.60 -10.24
N GLY A 730 -35.66 -23.84 -9.22
CA GLY A 730 -35.49 -23.18 -7.94
C GLY A 730 -35.47 -24.20 -6.82
N LEU A 731 -34.78 -23.85 -5.75
CA LEU A 731 -34.57 -24.75 -4.62
C LEU A 731 -35.26 -24.21 -3.38
N ILE A 732 -36.03 -25.08 -2.71
CA ILE A 732 -36.62 -24.78 -1.42
C ILE A 732 -36.16 -25.86 -0.45
N ILE A 733 -35.61 -25.43 0.69
CA ILE A 733 -35.20 -26.33 1.76
C ILE A 733 -35.59 -25.71 3.08
N ASP A 734 -35.99 -26.54 4.03
CA ASP A 734 -36.34 -26.07 5.36
C ASP A 734 -35.23 -26.39 6.35
N GLY A 735 -35.41 -25.91 7.59
CA GLY A 735 -34.34 -25.99 8.57
C GLY A 735 -33.99 -27.40 8.99
N SER A 736 -35.00 -28.25 9.16
CA SER A 736 -34.74 -29.63 9.59
C SER A 736 -33.97 -30.42 8.54
N THR A 737 -34.31 -30.27 7.26
CA THR A 737 -33.57 -30.96 6.22
C THR A 737 -32.15 -30.43 6.10
N LEU A 738 -31.95 -29.12 6.26
CA LEU A 738 -30.60 -28.57 6.28
C LEU A 738 -29.80 -29.12 7.45
N SER A 739 -30.45 -29.29 8.61
CA SER A 739 -29.78 -29.93 9.74
C SER A 739 -29.38 -31.36 9.40
N LEU A 740 -30.25 -32.09 8.73
CA LEU A 740 -29.90 -33.45 8.31
C LEU A 740 -28.69 -33.44 7.39
N ILE A 741 -28.66 -32.51 6.42
CA ILE A 741 -27.52 -32.42 5.52
C ILE A 741 -26.24 -32.10 6.30
N LEU A 742 -26.31 -31.12 7.19
CA LEU A 742 -25.11 -30.61 7.84
C LEU A 742 -24.64 -31.50 8.99
N ASN A 743 -25.47 -32.42 9.47
CA ASN A 743 -25.10 -33.32 10.54
C ASN A 743 -24.95 -34.76 10.11
N SER A 744 -25.29 -35.10 8.85
CA SER A 744 -25.20 -36.48 8.38
C SER A 744 -24.24 -36.65 7.22
N SER A 745 -23.42 -35.64 6.92
CA SER A 745 -22.47 -35.72 5.81
C SER A 745 -21.03 -35.87 6.27
N GLN A 746 -20.81 -36.31 7.50
CA GLN A 746 -19.48 -36.47 8.05
C GLN A 746 -18.91 -37.83 7.66
N ASP A 747 -17.63 -38.04 8.00
CA ASP A 747 -16.93 -39.31 7.74
C ASP A 747 -16.93 -39.65 6.25
N SER A 748 -16.87 -38.62 5.41
CA SER A 748 -16.79 -38.81 3.97
C SER A 748 -16.21 -37.56 3.34
N SER A 749 -15.53 -37.74 2.21
CA SER A 749 -14.95 -36.63 1.46
C SER A 749 -15.36 -36.62 -0.01
N SER A 750 -15.50 -37.79 -0.64
CA SER A 750 -15.83 -37.86 -2.06
C SER A 750 -17.35 -37.80 -2.29
N ASN A 751 -18.09 -38.73 -1.69
CA ASN A 751 -19.54 -38.77 -1.84
C ASN A 751 -20.21 -37.86 -0.80
N ASN A 752 -19.74 -36.62 -0.76
CA ASN A 752 -20.23 -35.65 0.22
C ASN A 752 -21.62 -35.16 -0.16
N TYR A 753 -22.60 -35.44 0.69
CA TYR A 753 -23.96 -35.01 0.41
C TYR A 753 -24.12 -33.50 0.60
N LYS A 754 -23.29 -32.90 1.45
CA LYS A 754 -23.19 -31.44 1.49
C LYS A 754 -22.69 -30.90 0.16
N SER A 755 -21.71 -31.57 -0.45
CA SER A 755 -21.21 -31.15 -1.74
C SER A 755 -22.27 -31.31 -2.83
N ILE A 756 -23.03 -32.40 -2.79
CA ILE A 756 -24.12 -32.58 -3.75
C ILE A 756 -25.17 -31.49 -3.59
N PHE A 757 -25.50 -31.16 -2.33
CA PHE A 757 -26.47 -30.09 -2.08
C PHE A 757 -25.98 -28.76 -2.62
N LEU A 758 -24.69 -28.44 -2.41
CA LEU A 758 -24.14 -27.21 -2.96
C LEU A 758 -24.12 -27.23 -4.48
N GLN A 759 -23.88 -28.40 -5.07
CA GLN A 759 -23.96 -28.54 -6.52
C GLN A 759 -25.36 -28.25 -7.03
N ILE A 760 -26.38 -28.72 -6.31
CA ILE A 760 -27.75 -28.41 -6.71
C ILE A 760 -28.01 -26.92 -6.57
N CYS A 761 -27.54 -26.31 -5.47
CA CYS A 761 -27.79 -24.90 -5.22
C CYS A 761 -27.15 -24.03 -6.27
N MET A 762 -25.92 -24.35 -6.68
CA MET A 762 -25.13 -23.44 -7.51
C MET A 762 -25.75 -23.19 -8.87
N LYS A 763 -26.47 -24.16 -9.45
CA LYS A 763 -27.08 -23.95 -10.75
C LYS A 763 -28.61 -23.95 -10.65
N CYS A 764 -29.13 -23.40 -9.56
CA CYS A 764 -30.54 -23.04 -9.43
C CYS A 764 -30.67 -21.53 -9.58
N THR A 765 -31.80 -21.09 -10.14
CA THR A 765 -31.98 -19.65 -10.35
C THR A 765 -32.12 -18.92 -9.01
N ALA A 766 -32.60 -19.59 -7.98
CA ALA A 766 -32.73 -19.02 -6.66
C ALA A 766 -32.86 -20.16 -5.65
N VAL A 767 -32.47 -19.87 -4.42
CA VAL A 767 -32.55 -20.82 -3.31
C VAL A 767 -33.33 -20.17 -2.18
N LEU A 768 -34.33 -20.88 -1.67
CA LEU A 768 -35.10 -20.44 -0.52
C LEU A 768 -34.83 -21.39 0.65
N CYS A 769 -34.24 -20.86 1.72
CA CYS A 769 -34.03 -21.60 2.95
C CYS A 769 -35.01 -21.04 3.98
N CYS A 770 -36.00 -21.85 4.36
CA CYS A 770 -37.07 -21.41 5.24
C CYS A 770 -36.99 -22.11 6.58
N ARG A 771 -37.68 -21.54 7.57
CA ARG A 771 -37.69 -22.05 8.94
C ARG A 771 -36.28 -22.18 9.49
N MET A 772 -35.48 -21.13 9.28
CA MET A 772 -34.07 -21.14 9.64
C MET A 772 -33.87 -20.73 11.09
N ALA A 773 -32.92 -21.38 11.74
CA ALA A 773 -32.39 -20.90 13.00
C ALA A 773 -31.28 -19.88 12.72
N PRO A 774 -31.00 -18.98 13.67
CA PRO A 774 -29.98 -17.94 13.41
C PRO A 774 -28.62 -18.50 13.01
N LEU A 775 -28.21 -19.62 13.59
CA LEU A 775 -26.90 -20.18 13.23
C LEU A 775 -26.93 -20.85 11.86
N GLN A 776 -28.09 -21.33 11.41
CA GLN A 776 -28.18 -22.00 10.13
C GLN A 776 -27.95 -21.05 8.97
N LYS A 777 -28.39 -19.80 9.09
CA LYS A 777 -28.11 -18.81 8.05
C LYS A 777 -26.61 -18.58 7.92
N ALA A 778 -25.92 -18.44 9.06
CA ALA A 778 -24.47 -18.30 9.05
C ALA A 778 -23.80 -19.54 8.47
N GLN A 779 -24.38 -20.72 8.73
CA GLN A 779 -23.84 -21.96 8.18
C GLN A 779 -23.98 -22.01 6.66
N ILE A 780 -25.10 -21.54 6.13
CA ILE A 780 -25.30 -21.48 4.68
C ILE A 780 -24.30 -20.51 4.06
N VAL A 781 -24.14 -19.34 4.69
CA VAL A 781 -23.18 -18.36 4.18
C VAL A 781 -21.77 -18.92 4.20
N ARG A 782 -21.42 -19.65 5.26
CA ARG A 782 -20.10 -20.26 5.36
C ARG A 782 -19.90 -21.33 4.29
N MET A 783 -20.92 -22.14 4.04
CA MET A 783 -20.83 -23.16 2.99
C MET A 783 -20.57 -22.52 1.63
N VAL A 784 -21.24 -21.42 1.35
CA VAL A 784 -20.99 -20.73 0.08
C VAL A 784 -19.59 -20.12 0.07
N LYS A 785 -19.14 -19.60 1.21
CA LYS A 785 -17.80 -19.01 1.29
C LYS A 785 -16.68 -20.01 1.03
N ASN A 786 -16.92 -21.30 1.26
CA ASN A 786 -15.90 -22.32 1.10
C ASN A 786 -15.91 -22.96 -0.28
N LEU A 787 -16.67 -22.40 -1.22
CA LEU A 787 -16.72 -22.95 -2.56
C LEU A 787 -15.44 -22.62 -3.32
N LYS A 788 -15.21 -23.36 -4.41
CA LYS A 788 -14.07 -23.09 -5.28
C LYS A 788 -14.21 -21.71 -5.91
N GLY A 789 -13.10 -20.98 -5.96
CA GLY A 789 -13.09 -19.63 -6.47
C GLY A 789 -13.30 -18.56 -5.43
N SER A 790 -13.66 -18.94 -4.20
CA SER A 790 -13.83 -18.03 -3.06
C SER A 790 -14.79 -16.89 -3.39
N PRO A 791 -16.08 -17.16 -3.49
CA PRO A 791 -17.05 -16.07 -3.74
C PRO A 791 -17.15 -15.13 -2.55
N ILE A 792 -17.42 -13.86 -2.85
CA ILE A 792 -17.63 -12.84 -1.84
C ILE A 792 -19.12 -12.81 -1.49
N THR A 793 -19.42 -12.83 -0.20
CA THR A 793 -20.79 -12.98 0.28
C THR A 793 -21.27 -11.71 0.97
N LEU A 794 -22.52 -11.35 0.71
CA LEU A 794 -23.19 -10.25 1.39
C LEU A 794 -24.49 -10.77 1.97
N SER A 795 -24.74 -10.47 3.25
CA SER A 795 -25.99 -10.81 3.90
C SER A 795 -26.66 -9.53 4.39
N ILE A 796 -27.99 -9.49 4.29
CA ILE A 796 -28.76 -8.30 4.63
C ILE A 796 -30.01 -8.73 5.40
N GLY A 797 -30.31 -8.02 6.48
CA GLY A 797 -31.47 -8.32 7.29
C GLY A 797 -31.73 -7.22 8.28
N ASP A 798 -32.88 -7.32 8.94
CA ASP A 798 -33.35 -6.28 9.85
C ASP A 798 -33.54 -6.74 11.28
N GLY A 799 -33.35 -8.03 11.57
CA GLY A 799 -33.64 -8.58 12.87
C GLY A 799 -32.41 -9.05 13.62
N ALA A 800 -32.64 -9.36 14.90
CA ALA A 800 -31.57 -9.88 15.76
C ALA A 800 -31.18 -11.31 15.39
N ASN A 801 -32.06 -12.04 14.71
CA ASN A 801 -31.75 -13.37 14.23
C ASN A 801 -30.95 -13.37 12.94
N ASP A 802 -30.71 -12.21 12.34
CA ASP A 802 -29.85 -12.07 11.18
C ASP A 802 -28.43 -11.70 11.55
N VAL A 803 -28.14 -11.55 12.85
CA VAL A 803 -26.83 -11.08 13.29
C VAL A 803 -25.76 -12.12 13.00
N SER A 804 -26.07 -13.40 13.17
CA SER A 804 -25.06 -14.43 12.95
C SER A 804 -24.61 -14.49 11.49
N MET A 805 -25.55 -14.40 10.55
CA MET A 805 -25.16 -14.39 9.15
C MET A 805 -24.58 -13.04 8.74
N ILE A 806 -24.94 -11.96 9.44
CA ILE A 806 -24.34 -10.66 9.15
C ILE A 806 -22.87 -10.65 9.55
N LEU A 807 -22.55 -11.26 10.69
CA LEU A 807 -21.15 -11.34 11.12
C LEU A 807 -20.36 -12.34 10.29
N GLU A 808 -21.03 -13.37 9.75
CA GLU A 808 -20.35 -14.42 9.00
C GLU A 808 -19.94 -13.98 7.59
N SER A 809 -20.75 -13.13 6.95
CA SER A 809 -20.52 -12.79 5.56
C SER A 809 -19.33 -11.84 5.41
N HIS A 810 -18.88 -11.67 4.17
CA HIS A 810 -17.77 -10.77 3.89
C HIS A 810 -18.15 -9.33 4.22
N VAL A 811 -19.37 -8.93 3.89
CA VAL A 811 -19.90 -7.62 4.27
C VAL A 811 -21.35 -7.81 4.68
N GLY A 812 -21.70 -7.39 5.89
CA GLY A 812 -23.05 -7.52 6.41
C GLY A 812 -23.77 -6.19 6.40
N ILE A 813 -25.04 -6.21 5.99
CA ILE A 813 -25.86 -5.03 5.88
C ILE A 813 -27.04 -5.17 6.83
N GLY A 814 -27.18 -4.21 7.74
CA GLY A 814 -28.33 -4.15 8.63
C GLY A 814 -29.36 -3.18 8.09
N ILE A 815 -30.63 -3.48 8.34
CA ILE A 815 -31.72 -2.61 7.94
C ILE A 815 -32.29 -1.93 9.17
N LYS A 816 -32.42 -0.62 9.12
CA LYS A 816 -33.00 0.16 10.20
C LYS A 816 -34.52 0.06 10.07
N GLY A 817 -35.08 -0.95 10.74
CA GLY A 817 -36.51 -1.20 10.68
C GLY A 817 -37.18 -1.14 12.04
N LYS A 818 -38.26 -1.90 12.20
CA LYS A 818 -39.01 -1.92 13.46
C LYS A 818 -38.56 -3.03 14.40
N GLU A 819 -37.65 -3.89 13.99
CA GLU A 819 -37.22 -5.04 14.79
C GLU A 819 -36.10 -4.69 15.77
N GLY A 820 -35.83 -3.41 15.99
CA GLY A 820 -34.75 -2.98 16.86
C GLY A 820 -33.56 -2.47 16.08
N ARG A 821 -32.40 -2.55 16.72
CA ARG A 821 -31.17 -2.07 16.10
C ARG A 821 -30.02 -3.06 16.27
N GLN A 822 -30.29 -4.30 16.66
CA GLN A 822 -29.24 -5.29 16.82
C GLN A 822 -28.56 -5.61 15.51
N ALA A 823 -29.34 -5.77 14.43
CA ALA A 823 -28.75 -6.02 13.12
C ALA A 823 -27.93 -4.83 12.65
N ALA A 824 -28.44 -3.61 12.84
CA ALA A 824 -27.72 -2.42 12.43
C ALA A 824 -26.45 -2.21 13.24
N ARG A 825 -26.51 -2.49 14.54
CA ARG A 825 -25.34 -2.27 15.39
C ARG A 825 -24.24 -3.29 15.13
N ASN A 826 -24.59 -4.49 14.64
CA ASN A 826 -23.62 -5.52 14.35
C ASN A 826 -23.18 -5.52 12.89
N SER A 827 -23.80 -4.72 12.04
CA SER A 827 -23.50 -4.73 10.62
C SER A 827 -22.27 -3.88 10.31
N ASP A 828 -21.73 -4.08 9.12
CA ASP A 828 -20.68 -3.21 8.62
C ASP A 828 -21.26 -1.91 8.07
N TYR A 829 -22.38 -2.01 7.36
CA TYR A 829 -23.11 -0.85 6.86
C TYR A 829 -24.59 -1.07 7.12
N SER A 830 -25.30 0.03 7.36
CA SER A 830 -26.72 -0.02 7.63
C SER A 830 -27.44 0.94 6.70
N VAL A 831 -28.55 0.48 6.12
CA VAL A 831 -29.35 1.33 5.24
C VAL A 831 -30.81 1.25 5.69
N PRO A 832 -31.61 2.30 5.47
CA PRO A 832 -33.03 2.22 5.84
C PRO A 832 -33.82 1.17 5.09
N LYS A 833 -33.56 1.00 3.79
CA LYS A 833 -34.39 0.16 2.94
C LYS A 833 -33.54 -0.86 2.19
N PHE A 834 -34.18 -1.95 1.79
CA PHE A 834 -33.52 -2.97 0.97
C PHE A 834 -33.19 -2.44 -0.42
N LYS A 835 -33.99 -1.51 -0.94
CA LYS A 835 -33.73 -0.94 -2.25
C LYS A 835 -32.44 -0.12 -2.30
N HIS A 836 -31.94 0.33 -1.16
CA HIS A 836 -30.70 1.10 -1.12
C HIS A 836 -29.48 0.25 -1.46
N LEU A 837 -29.63 -1.08 -1.46
CA LEU A 837 -28.53 -1.97 -1.81
C LEU A 837 -28.06 -1.74 -3.23
N LYS A 838 -28.96 -1.35 -4.13
CA LYS A 838 -28.58 -1.11 -5.52
C LYS A 838 -27.58 0.03 -5.63
N LYS A 839 -27.88 1.17 -5.01
CA LYS A 839 -26.93 2.28 -5.01
C LYS A 839 -25.69 1.93 -4.20
N LEU A 840 -25.84 1.21 -3.09
CA LEU A 840 -24.69 0.90 -2.25
C LEU A 840 -23.67 0.04 -2.98
N LEU A 841 -24.13 -0.93 -3.77
CA LEU A 841 -23.21 -1.81 -4.48
C LEU A 841 -22.80 -1.27 -5.84
N LEU A 842 -23.77 -0.90 -6.68
CA LEU A 842 -23.48 -0.62 -8.08
C LEU A 842 -22.64 0.64 -8.25
N ALA A 843 -22.90 1.67 -7.45
CA ALA A 843 -22.16 2.92 -7.58
C ALA A 843 -21.07 3.06 -6.52
N HIS A 844 -21.45 3.02 -5.24
CA HIS A 844 -20.49 3.27 -4.17
C HIS A 844 -19.41 2.20 -4.15
N GLY A 845 -19.82 0.92 -4.17
CA GLY A 845 -18.85 -0.15 -4.08
C GLY A 845 -17.94 -0.23 -5.29
N HIS A 846 -18.51 -0.07 -6.49
CA HIS A 846 -17.72 -0.02 -7.72
C HIS A 846 -16.66 1.07 -7.63
N LEU A 847 -17.07 2.28 -7.26
CA LEU A 847 -16.14 3.40 -7.17
C LEU A 847 -15.07 3.12 -6.12
N TYR A 848 -15.46 2.61 -4.95
CA TYR A 848 -14.51 2.34 -3.88
C TYR A 848 -13.46 1.32 -4.32
N TYR A 849 -13.91 0.23 -4.94
CA TYR A 849 -12.97 -0.80 -5.38
C TYR A 849 -12.00 -0.24 -6.41
N VAL A 850 -12.51 0.47 -7.42
CA VAL A 850 -11.63 0.97 -8.47
C VAL A 850 -10.62 1.94 -7.89
N ARG A 851 -11.07 2.84 -7.01
CA ARG A 851 -10.18 3.84 -6.42
C ARG A 851 -9.07 3.17 -5.62
N ILE A 852 -9.42 2.24 -4.72
CA ILE A 852 -8.39 1.67 -3.87
C ILE A 852 -7.47 0.73 -4.66
N ALA A 853 -7.98 0.01 -5.65
CA ALA A 853 -7.13 -0.86 -6.45
C ALA A 853 -6.12 -0.05 -7.24
N HIS A 854 -6.57 1.06 -7.84
CA HIS A 854 -5.62 1.94 -8.53
C HIS A 854 -4.60 2.51 -7.56
N LEU A 855 -5.02 2.88 -6.35
CA LEU A 855 -4.07 3.41 -5.38
C LEU A 855 -2.99 2.39 -5.04
N VAL A 856 -3.38 1.14 -4.83
CA VAL A 856 -2.40 0.11 -4.46
C VAL A 856 -1.41 -0.13 -5.59
N GLN A 857 -1.93 -0.32 -6.81
CA GLN A 857 -1.05 -0.55 -7.95
C GLN A 857 -0.12 0.62 -8.17
N TYR A 858 -0.64 1.85 -8.07
CA TYR A 858 0.16 3.04 -8.28
C TYR A 858 1.25 3.20 -7.23
N PHE A 859 0.94 2.88 -5.97
CA PHE A 859 1.94 3.00 -4.92
C PHE A 859 3.11 2.06 -5.18
N PHE A 860 2.80 0.79 -5.48
CA PHE A 860 3.88 -0.15 -5.75
C PHE A 860 4.68 0.26 -6.98
N TYR A 861 3.99 0.70 -8.04
CA TYR A 861 4.67 1.09 -9.27
C TYR A 861 5.58 2.28 -9.06
N LYS A 862 5.09 3.31 -8.36
CA LYS A 862 5.87 4.52 -8.20
C LYS A 862 7.06 4.29 -7.29
N ASN A 863 6.93 3.41 -6.29
CA ASN A 863 8.11 3.15 -5.47
C ASN A 863 9.13 2.26 -6.18
N LEU A 864 8.68 1.34 -7.04
CA LEU A 864 9.66 0.59 -7.84
C LEU A 864 10.38 1.53 -8.82
N CYS A 865 9.63 2.44 -9.46
CA CYS A 865 10.25 3.46 -10.30
C CYS A 865 11.25 4.29 -9.51
N PHE A 866 10.93 4.57 -8.24
CA PHE A 866 11.81 5.32 -7.36
C PHE A 866 13.12 4.59 -7.11
N ILE A 867 13.04 3.30 -6.76
CA ILE A 867 14.21 2.63 -6.20
C ILE A 867 15.07 1.90 -7.23
N LEU A 868 14.49 1.45 -8.36
CA LEU A 868 15.29 0.70 -9.33
C LEU A 868 16.52 1.44 -9.83
N PRO A 869 16.47 2.74 -10.18
CA PRO A 869 17.72 3.43 -10.54
C PRO A 869 18.77 3.42 -9.44
N GLN A 870 18.34 3.51 -8.17
CA GLN A 870 19.27 3.42 -7.07
C GLN A 870 19.94 2.05 -7.00
N PHE A 871 19.19 0.99 -7.30
CA PHE A 871 19.76 -0.35 -7.38
C PHE A 871 20.75 -0.45 -8.53
N LEU A 872 20.41 0.13 -9.68
CA LEU A 872 21.31 0.10 -10.83
C LEU A 872 22.59 0.90 -10.58
N TYR A 873 22.51 1.93 -9.74
CA TYR A 873 23.67 2.75 -9.44
C TYR A 873 24.75 2.00 -8.67
N GLN A 874 24.39 0.88 -8.03
CA GLN A 874 25.37 0.12 -7.26
C GLN A 874 26.40 -0.55 -8.17
N PHE A 875 26.01 -0.86 -9.41
CA PHE A 875 26.92 -1.46 -10.38
C PHE A 875 27.95 -0.47 -10.90
N PHE A 876 27.81 0.82 -10.59
CA PHE A 876 28.73 1.84 -11.05
C PHE A 876 29.47 2.55 -9.93
N CYS A 877 29.01 2.45 -8.69
CA CYS A 877 29.86 2.68 -7.55
C CYS A 877 30.48 1.34 -7.16
N GLY A 878 31.15 1.26 -6.02
CA GLY A 878 31.77 -0.01 -5.68
C GLY A 878 30.85 -0.96 -4.96
N PHE A 879 29.57 -0.96 -5.33
CA PHE A 879 28.52 -1.62 -4.55
C PHE A 879 28.59 -1.17 -3.09
N SER A 880 28.83 0.12 -2.90
CA SER A 880 29.17 0.68 -1.60
C SER A 880 27.96 1.20 -0.84
N GLN A 881 26.75 0.95 -1.35
CA GLN A 881 25.50 1.45 -0.76
C GLN A 881 25.39 2.97 -0.84
N GLN A 882 26.03 3.57 -1.83
CA GLN A 882 25.95 5.01 -2.02
C GLN A 882 24.58 5.37 -2.59
N PRO A 883 23.79 6.21 -1.94
CA PRO A 883 22.49 6.58 -2.49
C PRO A 883 22.63 7.37 -3.78
N LEU A 884 21.71 7.12 -4.71
CA LEU A 884 21.67 7.89 -5.95
C LEU A 884 21.09 9.28 -5.71
N TYR A 885 20.18 9.41 -4.76
CA TYR A 885 19.49 10.67 -4.49
C TYR A 885 19.94 11.24 -3.14
N ASP A 886 19.69 12.53 -2.98
CA ASP A 886 19.94 13.22 -1.72
C ASP A 886 18.92 12.77 -0.68
N ALA A 887 19.34 12.83 0.59
CA ALA A 887 18.51 12.30 1.68
C ALA A 887 17.18 13.02 1.78
N ALA A 888 17.16 14.34 1.52
CA ALA A 888 15.90 15.07 1.54
C ALA A 888 14.96 14.58 0.44
N TYR A 889 15.50 14.32 -0.75
CA TYR A 889 14.67 13.76 -1.82
C TYR A 889 14.13 12.40 -1.44
N LEU A 890 14.97 11.55 -0.85
CA LEU A 890 14.51 10.24 -0.40
C LEU A 890 13.40 10.37 0.63
N THR A 891 13.52 11.35 1.54
CA THR A 891 12.53 11.52 2.59
C THR A 891 11.20 12.02 2.04
N MET A 892 11.23 13.03 1.17
CA MET A 892 9.98 13.65 0.73
C MET A 892 9.48 13.15 -0.63
N TYR A 893 10.04 12.08 -1.18
CA TYR A 893 9.45 11.50 -2.38
C TYR A 893 8.01 11.04 -2.11
N ASN A 894 7.79 10.37 -0.99
CA ASN A 894 6.47 9.84 -0.66
C ASN A 894 5.68 10.74 0.29
N ILE A 895 6.31 11.72 0.91
CA ILE A 895 5.62 12.60 1.84
C ILE A 895 5.05 13.83 1.12
N CYS A 896 5.85 14.45 0.27
CA CYS A 896 5.49 15.75 -0.30
C CYS A 896 5.37 15.76 -1.81
N PHE A 897 6.10 14.90 -2.52
CA PHE A 897 6.14 15.00 -3.98
C PHE A 897 5.07 14.16 -4.67
N THR A 898 4.76 12.98 -4.13
CA THR A 898 3.87 12.04 -4.79
C THR A 898 2.80 11.50 -3.83
N SER A 899 2.45 12.27 -2.81
CA SER A 899 1.48 11.79 -1.82
C SER A 899 0.05 12.22 -2.14
N LEU A 900 -0.17 13.52 -2.28
CA LEU A 900 -1.54 14.07 -2.41
C LEU A 900 -2.24 13.68 -3.73
N PRO A 901 -1.60 13.62 -4.92
CA PRO A 901 -2.38 13.29 -6.13
C PRO A 901 -3.08 11.95 -6.07
N ILE A 902 -2.43 10.90 -5.56
CA ILE A 902 -3.08 9.60 -5.50
C ILE A 902 -4.17 9.58 -4.44
N LEU A 903 -3.99 10.32 -3.35
CA LEU A 903 -5.04 10.42 -2.34
C LEU A 903 -6.27 11.12 -2.89
N ALA A 904 -6.06 12.18 -3.69
CA ALA A 904 -7.19 12.86 -4.32
C ALA A 904 -7.84 11.97 -5.37
N TYR A 905 -7.04 11.17 -6.10
CA TYR A 905 -7.61 10.24 -7.06
C TYR A 905 -8.50 9.21 -6.36
N SER A 906 -8.01 8.63 -5.27
CA SER A 906 -8.73 7.57 -4.58
C SER A 906 -9.94 8.06 -3.81
N LEU A 907 -10.15 9.39 -3.74
CA LEU A 907 -11.30 9.95 -3.06
C LEU A 907 -12.30 10.62 -3.98
N LEU A 908 -11.90 10.95 -5.21
CA LEU A 908 -12.74 11.73 -6.10
C LEU A 908 -12.96 11.12 -7.47
N GLU A 909 -12.17 10.13 -7.88
CA GLU A 909 -12.22 9.65 -9.25
C GLU A 909 -13.53 8.95 -9.54
N GLN A 910 -14.15 9.32 -10.66
CA GLN A 910 -15.29 8.62 -11.22
C GLN A 910 -14.89 8.21 -12.64
N HIS A 911 -14.27 7.04 -12.75
CA HIS A 911 -13.94 6.51 -14.06
C HIS A 911 -15.20 6.28 -14.89
N ILE A 912 -16.29 5.91 -14.23
CA ILE A 912 -17.63 5.94 -14.79
C ILE A 912 -18.48 6.81 -13.87
N ASN A 913 -19.34 7.64 -14.46
CA ASN A 913 -20.21 8.50 -13.66
C ASN A 913 -21.12 7.68 -12.76
N ILE A 914 -21.47 8.27 -11.61
CA ILE A 914 -22.35 7.59 -10.68
C ILE A 914 -23.72 7.34 -11.31
N ASP A 915 -24.22 8.30 -12.08
CA ASP A 915 -25.51 8.12 -12.73
C ASP A 915 -25.48 6.97 -13.72
N THR A 916 -24.41 6.83 -14.48
CA THR A 916 -24.26 5.69 -15.37
C THR A 916 -24.14 4.38 -14.59
N LEU A 917 -23.40 4.40 -13.47
CA LEU A 917 -23.23 3.19 -12.68
C LEU A 917 -24.55 2.73 -12.07
N THR A 918 -25.41 3.66 -11.69
CA THR A 918 -26.71 3.30 -11.13
C THR A 918 -27.68 2.77 -12.19
N SER A 919 -27.62 3.31 -13.40
CA SER A 919 -28.57 2.92 -14.44
C SER A 919 -28.16 1.68 -15.21
N ASP A 920 -26.92 1.21 -15.06
CA ASP A 920 -26.43 0.03 -15.77
C ASP A 920 -25.81 -0.94 -14.78
N PRO A 921 -26.61 -1.86 -14.23
CA PRO A 921 -26.03 -2.87 -13.32
C PRO A 921 -25.05 -3.81 -13.99
N ARG A 922 -25.07 -3.93 -15.31
CA ARG A 922 -24.16 -4.83 -16.01
C ARG A 922 -22.70 -4.41 -15.90
N LEU A 923 -22.42 -3.15 -15.59
CA LEU A 923 -21.05 -2.70 -15.41
C LEU A 923 -20.40 -3.24 -14.15
N TYR A 924 -21.19 -3.82 -13.23
CA TYR A 924 -20.64 -4.43 -12.04
C TYR A 924 -19.74 -5.61 -12.37
N MET A 925 -20.00 -6.29 -13.47
CA MET A 925 -19.26 -7.50 -13.85
C MET A 925 -17.87 -7.22 -14.38
N LYS A 926 -17.54 -5.97 -14.69
CA LYS A 926 -16.20 -5.66 -15.21
C LYS A 926 -15.13 -5.84 -14.14
N ILE A 927 -15.46 -5.58 -12.88
CA ILE A 927 -14.50 -5.64 -11.78
C ILE A 927 -14.82 -6.82 -10.88
N SER A 928 -15.43 -7.85 -11.47
CA SER A 928 -16.12 -8.88 -10.69
C SER A 928 -15.18 -9.62 -9.74
N GLY A 929 -14.23 -10.36 -10.30
CA GLY A 929 -13.39 -11.21 -9.47
C GLY A 929 -12.06 -10.61 -9.07
N ASN A 930 -12.09 -9.45 -8.41
CA ASN A 930 -10.87 -8.72 -8.05
C ASN A 930 -10.00 -8.50 -9.29
N ALA A 931 -10.66 -8.06 -10.37
CA ALA A 931 -10.03 -8.06 -11.68
C ALA A 931 -8.85 -7.10 -11.76
N MET A 932 -8.97 -5.94 -11.11
CA MET A 932 -7.93 -4.91 -11.20
C MET A 932 -6.65 -5.27 -10.46
N LEU A 933 -6.68 -6.31 -9.61
CA LEU A 933 -5.50 -6.69 -8.82
C LEU A 933 -5.07 -8.11 -9.12
N GLN A 934 -5.30 -8.59 -10.33
CA GLN A 934 -4.91 -9.93 -10.72
C GLN A 934 -3.50 -9.94 -11.30
N LEU A 935 -3.06 -11.12 -11.73
CA LEU A 935 -1.68 -11.29 -12.17
C LEU A 935 -1.37 -10.44 -13.38
N GLY A 936 -2.29 -10.36 -14.34
CA GLY A 936 -2.08 -9.57 -15.53
C GLY A 936 -1.83 -8.10 -15.25
N PRO A 937 -2.78 -7.43 -14.59
CA PRO A 937 -2.54 -6.03 -14.21
C PRO A 937 -1.32 -5.83 -13.33
N PHE A 938 -1.07 -6.76 -12.39
CA PHE A 938 0.10 -6.61 -11.54
C PHE A 938 1.40 -6.66 -12.35
N LEU A 939 1.48 -7.61 -13.28
CA LEU A 939 2.66 -7.72 -14.14
C LEU A 939 2.79 -6.50 -15.02
N TYR A 940 1.67 -5.97 -15.53
CA TYR A 940 1.73 -4.77 -16.35
C TYR A 940 2.34 -3.62 -15.55
N TRP A 941 1.83 -3.38 -14.35
CA TRP A 941 2.35 -2.29 -13.53
C TRP A 941 3.83 -2.49 -13.18
N THR A 942 4.20 -3.73 -12.82
CA THR A 942 5.57 -4.01 -12.41
C THR A 942 6.55 -3.84 -13.58
N PHE A 943 6.22 -4.38 -14.75
CA PHE A 943 7.11 -4.21 -15.90
C PHE A 943 7.14 -2.76 -16.37
N LEU A 944 6.04 -2.03 -16.26
CA LEU A 944 6.09 -0.61 -16.59
C LEU A 944 7.03 0.13 -15.66
N ALA A 945 6.97 -0.15 -14.35
CA ALA A 945 7.88 0.48 -13.42
C ALA A 945 9.33 0.12 -13.70
N ALA A 946 9.60 -1.16 -13.99
CA ALA A 946 10.96 -1.59 -14.28
C ALA A 946 11.50 -0.93 -15.54
N PHE A 947 10.69 -0.88 -16.59
CA PHE A 947 11.10 -0.25 -17.83
C PHE A 947 11.39 1.24 -17.62
N GLU A 948 10.52 1.92 -16.89
CA GLU A 948 10.69 3.35 -16.68
C GLU A 948 11.93 3.65 -15.84
N GLY A 949 12.16 2.85 -14.79
CA GLY A 949 13.37 3.05 -14.00
C GLY A 949 14.64 2.81 -14.78
N THR A 950 14.65 1.75 -15.60
CA THR A 950 15.80 1.49 -16.47
C THR A 950 16.03 2.65 -17.43
N VAL A 951 14.94 3.18 -18.01
CA VAL A 951 15.05 4.31 -18.93
C VAL A 951 15.62 5.53 -18.21
N PHE A 952 15.09 5.85 -17.03
CA PHE A 952 15.62 6.95 -16.23
C PHE A 952 17.13 6.83 -16.08
N PHE A 953 17.56 5.72 -15.46
CA PHE A 953 18.96 5.60 -15.08
C PHE A 953 19.87 5.60 -16.31
N PHE A 954 19.52 4.82 -17.34
CA PHE A 954 20.47 4.66 -18.43
C PHE A 954 20.41 5.82 -19.42
N GLY A 955 19.27 6.51 -19.56
CA GLY A 955 19.28 7.75 -20.29
C GLY A 955 20.14 8.80 -19.64
N THR A 956 20.05 8.93 -18.31
CA THR A 956 20.95 9.85 -17.61
C THR A 956 22.41 9.41 -17.76
N TYR A 957 22.66 8.10 -17.69
CA TYR A 957 24.01 7.58 -17.81
C TYR A 957 24.61 7.94 -19.17
N PHE A 958 23.87 7.71 -20.25
CA PHE A 958 24.39 8.01 -21.58
C PHE A 958 24.45 9.52 -21.82
N LEU A 959 23.61 10.30 -21.16
CA LEU A 959 23.74 11.75 -21.22
C LEU A 959 25.04 12.21 -20.57
N PHE A 960 25.45 11.54 -19.49
CA PHE A 960 26.67 11.90 -18.77
C PHE A 960 27.95 11.41 -19.43
N GLN A 961 27.87 10.91 -20.67
CA GLN A 961 29.07 10.46 -21.39
C GLN A 961 29.65 11.60 -22.23
N THR A 962 29.95 12.70 -21.54
CA THR A 962 30.42 13.91 -22.20
C THR A 962 31.28 14.70 -21.23
N ALA A 963 32.06 15.63 -21.77
CA ALA A 963 32.88 16.49 -20.92
C ALA A 963 32.01 17.53 -20.20
N SER A 964 31.02 18.07 -20.90
CA SER A 964 30.16 19.10 -20.32
C SER A 964 28.81 19.09 -21.00
N LEU A 965 27.78 19.39 -20.22
CA LEU A 965 26.44 19.62 -20.73
C LEU A 965 26.10 21.10 -20.79
N GLU A 966 27.08 21.97 -20.60
CA GLU A 966 26.87 23.41 -20.50
C GLU A 966 27.73 24.13 -21.52
N GLU A 967 27.35 25.37 -21.82
CA GLU A 967 28.13 26.20 -22.71
C GLU A 967 29.38 26.77 -22.05
N ASN A 968 29.44 26.79 -20.72
CA ASN A 968 30.62 27.27 -20.02
C ASN A 968 31.63 26.16 -19.74
N GLY A 969 31.38 24.94 -20.21
CA GLY A 969 32.33 23.86 -20.10
C GLY A 969 32.48 23.25 -18.73
N LYS A 970 31.57 23.55 -17.80
CA LYS A 970 31.72 23.09 -16.43
C LYS A 970 31.08 21.71 -16.24
N VAL A 971 31.53 21.02 -15.20
CA VAL A 971 31.30 19.59 -15.02
C VAL A 971 30.30 19.36 -13.90
N TYR A 972 29.39 18.41 -14.12
CA TYR A 972 28.40 17.98 -13.13
C TYR A 972 28.90 16.73 -12.42
N GLY A 973 28.38 16.51 -11.22
CA GLY A 973 28.78 15.36 -10.43
C GLY A 973 27.67 14.39 -10.08
N ASN A 974 27.91 13.59 -9.03
CA ASN A 974 26.98 12.53 -8.66
C ASN A 974 25.65 13.08 -8.15
N TRP A 975 25.68 14.21 -7.45
CA TRP A 975 24.44 14.80 -6.96
C TRP A 975 23.58 15.33 -8.09
N THR A 976 24.19 15.97 -9.09
CA THR A 976 23.44 16.41 -10.26
C THR A 976 22.90 15.22 -11.04
N PHE A 977 23.69 14.15 -11.16
CA PHE A 977 23.22 12.92 -11.79
C PHE A 977 21.95 12.41 -11.11
N GLY A 978 22.00 12.28 -9.78
CA GLY A 978 20.83 11.82 -9.05
C GLY A 978 19.65 12.77 -9.16
N THR A 979 19.93 14.07 -9.17
CA THR A 979 18.85 15.06 -9.29
C THR A 979 18.15 14.95 -10.63
N ILE A 980 18.90 14.74 -11.71
CA ILE A 980 18.29 14.57 -13.03
C ILE A 980 17.41 13.31 -13.04
N VAL A 981 17.93 12.22 -12.49
CA VAL A 981 17.15 10.98 -12.43
C VAL A 981 15.86 11.20 -11.63
N PHE A 982 15.98 11.88 -10.49
CA PHE A 982 14.82 12.12 -9.63
C PHE A 982 13.79 13.01 -10.30
N THR A 983 14.24 14.04 -11.04
CA THR A 983 13.32 14.93 -11.74
C THR A 983 12.53 14.18 -12.79
N VAL A 984 13.22 13.37 -13.60
CA VAL A 984 12.53 12.58 -14.62
C VAL A 984 11.54 11.62 -13.95
N LEU A 985 11.95 11.00 -12.84
CA LEU A 985 11.07 10.08 -12.13
C LEU A 985 9.80 10.77 -11.63
N VAL A 986 9.95 11.91 -10.96
CA VAL A 986 8.81 12.60 -10.38
C VAL A 986 7.83 13.01 -11.47
N PHE A 987 8.36 13.62 -12.54
CA PHE A 987 7.48 14.05 -13.62
C PHE A 987 6.80 12.87 -14.27
N THR A 988 7.51 11.75 -14.46
CA THR A 988 6.94 10.60 -15.12
C THR A 988 5.78 10.00 -14.31
N VAL A 989 5.98 9.82 -13.00
CA VAL A 989 4.92 9.20 -12.22
C VAL A 989 3.72 10.12 -12.10
N THR A 990 3.96 11.43 -11.93
CA THR A 990 2.83 12.37 -11.87
C THR A 990 2.06 12.39 -13.18
N LEU A 991 2.75 12.42 -14.32
CA LEU A 991 2.05 12.45 -15.60
C LEU A 991 1.38 11.12 -15.91
N LYS A 992 1.90 10.02 -15.37
CA LYS A 992 1.20 8.73 -15.51
C LYS A 992 -0.14 8.76 -14.78
N LEU A 993 -0.13 9.27 -13.54
CA LEU A 993 -1.40 9.42 -12.83
C LEU A 993 -2.34 10.37 -13.57
N ALA A 994 -1.80 11.47 -14.12
CA ALA A 994 -2.62 12.40 -14.86
C ALA A 994 -3.26 11.76 -16.09
N LEU A 995 -2.49 10.92 -16.80
CA LEU A 995 -3.04 10.20 -17.95
C LEU A 995 -4.12 9.21 -17.50
N ASP A 996 -3.93 8.58 -16.34
CA ASP A 996 -4.93 7.66 -15.82
C ASP A 996 -6.21 8.39 -15.38
N THR A 997 -6.13 9.68 -15.07
CA THR A 997 -7.28 10.40 -14.54
C THR A 997 -8.36 10.60 -15.61
N ARG A 998 -9.61 10.31 -15.24
CA ARG A 998 -10.75 10.52 -16.11
C ARG A 998 -11.73 11.57 -15.58
N PHE A 999 -11.57 12.01 -14.32
CA PHE A 999 -12.54 12.86 -13.64
C PHE A 999 -11.76 13.98 -12.96
N TRP A 1000 -11.63 15.10 -13.67
CA TRP A 1000 -10.76 16.20 -13.24
C TRP A 1000 -11.58 17.26 -12.52
N THR A 1001 -11.50 17.26 -11.19
CA THR A 1001 -12.03 18.36 -10.42
C THR A 1001 -10.95 19.43 -10.21
N TRP A 1002 -11.37 20.57 -9.65
CA TRP A 1002 -10.39 21.59 -9.28
C TRP A 1002 -9.41 21.07 -8.25
N ILE A 1003 -9.86 20.16 -7.37
CA ILE A 1003 -8.96 19.56 -6.40
C ILE A 1003 -7.90 18.71 -7.10
N ASN A 1004 -8.31 17.92 -8.09
CA ASN A 1004 -7.36 17.10 -8.83
C ASN A 1004 -6.36 17.96 -9.59
N HIS A 1005 -6.85 19.01 -10.26
CA HIS A 1005 -5.95 19.95 -10.92
C HIS A 1005 -4.95 20.53 -9.93
N PHE A 1006 -5.45 20.98 -8.78
CA PHE A 1006 -4.61 21.61 -7.78
C PHE A 1006 -3.52 20.66 -7.31
N VAL A 1007 -3.89 19.45 -6.90
CA VAL A 1007 -2.88 18.55 -6.34
C VAL A 1007 -1.90 18.10 -7.42
N ILE A 1008 -2.39 17.76 -8.61
CA ILE A 1008 -1.52 17.21 -9.64
C ILE A 1008 -0.52 18.26 -10.11
N TRP A 1009 -0.99 19.46 -10.44
CA TRP A 1009 -0.05 20.46 -10.96
C TRP A 1009 0.77 21.10 -9.84
N GLY A 1010 0.20 21.22 -8.64
CA GLY A 1010 0.93 21.80 -7.53
C GLY A 1010 1.97 20.88 -6.95
N SER A 1011 1.84 19.56 -7.13
CA SER A 1011 2.92 18.67 -6.74
C SER A 1011 4.18 18.95 -7.56
N LEU A 1012 4.02 19.12 -8.87
CA LEU A 1012 5.18 19.44 -9.72
C LEU A 1012 5.69 20.84 -9.44
N ALA A 1013 4.78 21.81 -9.29
CA ALA A 1013 5.18 23.18 -8.96
C ALA A 1013 5.92 23.23 -7.63
N PHE A 1014 5.45 22.47 -6.64
CA PHE A 1014 6.09 22.44 -5.34
C PHE A 1014 7.41 21.69 -5.39
N TYR A 1015 7.53 20.66 -6.22
CA TYR A 1015 8.83 20.02 -6.39
C TYR A 1015 9.85 21.01 -6.91
N VAL A 1016 9.49 21.79 -7.93
CA VAL A 1016 10.41 22.80 -8.46
C VAL A 1016 10.71 23.87 -7.40
N PHE A 1017 9.67 24.36 -6.71
CA PHE A 1017 9.85 25.42 -5.72
C PHE A 1017 10.72 24.93 -4.56
N PHE A 1018 10.48 23.71 -4.08
CA PHE A 1018 11.30 23.17 -3.01
C PHE A 1018 12.73 22.97 -3.46
N SER A 1019 12.93 22.49 -4.69
CA SER A 1019 14.30 22.32 -5.17
C SER A 1019 15.03 23.66 -5.15
N PHE A 1020 14.38 24.71 -5.63
CA PHE A 1020 15.02 26.04 -5.61
C PHE A 1020 15.27 26.52 -4.18
N PHE A 1021 14.28 26.36 -3.31
CA PHE A 1021 14.39 26.89 -1.95
C PHE A 1021 15.42 26.13 -1.12
N TRP A 1022 15.34 24.80 -1.12
CA TRP A 1022 16.30 23.97 -0.42
C TRP A 1022 17.70 24.14 -0.97
N GLY A 1023 17.83 24.19 -2.29
CA GLY A 1023 19.11 24.51 -2.89
C GLY A 1023 19.26 25.98 -3.23
N GLY A 1024 18.94 26.85 -2.28
CA GLY A 1024 19.11 28.28 -2.51
C GLY A 1024 19.93 28.96 -1.44
N ILE A 1025 19.98 28.37 -0.25
CA ILE A 1025 20.57 29.00 0.92
C ILE A 1025 21.53 28.01 1.56
N ILE A 1026 22.75 28.45 1.90
CA ILE A 1026 23.64 27.53 2.67
C ILE A 1026 22.98 27.29 4.03
N TRP A 1027 22.33 26.14 4.21
CA TRP A 1027 21.55 25.85 5.45
C TRP A 1027 22.47 25.75 6.67
N PRO A 1028 22.23 26.55 7.73
CA PRO A 1028 23.10 26.60 8.93
C PRO A 1028 22.75 25.57 10.00
N PHE A 1029 22.08 24.48 9.66
CA PHE A 1029 21.67 23.61 10.76
C PHE A 1029 21.93 22.15 10.41
N LEU A 1030 22.30 21.89 9.15
CA LEU A 1030 22.70 20.59 8.65
C LEU A 1030 24.22 20.46 8.66
N LYS A 1031 24.69 19.22 8.54
CA LYS A 1031 26.13 18.96 8.56
C LYS A 1031 26.74 18.89 7.16
N GLN A 1032 25.96 19.04 6.11
CA GLN A 1032 26.47 19.01 4.75
C GLN A 1032 25.70 20.00 3.89
N GLN A 1033 26.33 20.42 2.80
CA GLN A 1033 25.75 21.34 1.83
C GLN A 1033 25.79 20.76 0.43
N ARG A 1034 25.51 19.46 0.31
CA ARG A 1034 25.72 18.73 -0.93
C ARG A 1034 24.78 19.15 -2.06
N MET A 1035 23.71 19.88 -1.76
CA MET A 1035 22.72 20.27 -2.77
C MET A 1035 22.58 21.79 -2.86
N TYR A 1036 23.66 22.53 -2.67
CA TYR A 1036 23.54 23.98 -2.53
C TYR A 1036 22.97 24.64 -3.78
N PHE A 1037 23.54 24.36 -4.94
CA PHE A 1037 23.00 24.89 -6.20
C PHE A 1037 22.92 23.80 -7.26
N VAL A 1038 22.70 22.55 -6.85
CA VAL A 1038 22.68 21.45 -7.82
C VAL A 1038 21.52 21.62 -8.80
N PHE A 1039 20.32 21.83 -8.26
CA PHE A 1039 19.15 21.99 -9.12
C PHE A 1039 19.24 23.23 -9.98
N ALA A 1040 19.72 24.34 -9.41
CA ALA A 1040 19.84 25.59 -10.17
C ALA A 1040 20.87 25.47 -11.28
N GLN A 1041 22.02 24.83 -11.01
CA GLN A 1041 23.04 24.64 -12.03
C GLN A 1041 22.55 23.70 -13.12
N MET A 1042 21.82 22.65 -12.74
CA MET A 1042 21.31 21.70 -13.72
C MET A 1042 20.34 22.37 -14.69
N LEU A 1043 19.53 23.30 -14.19
CA LEU A 1043 18.54 23.98 -15.01
C LEU A 1043 19.13 24.99 -15.98
N SER A 1044 20.43 25.26 -15.89
CA SER A 1044 21.10 26.14 -16.85
C SER A 1044 21.56 25.41 -18.10
N SER A 1045 21.29 24.11 -18.21
CA SER A 1045 21.76 23.28 -19.33
C SER A 1045 20.59 22.96 -20.25
N VAL A 1046 20.63 23.52 -21.46
CA VAL A 1046 19.59 23.25 -22.45
C VAL A 1046 19.56 21.78 -22.80
N SER A 1047 20.73 21.16 -22.95
CA SER A 1047 20.78 19.73 -23.25
C SER A 1047 20.20 18.91 -22.12
N THR A 1048 20.37 19.35 -20.87
CA THR A 1048 19.75 18.65 -19.75
C THR A 1048 18.23 18.77 -19.80
N TRP A 1049 17.71 19.96 -20.10
CA TRP A 1049 16.27 20.10 -20.28
C TRP A 1049 15.76 19.16 -21.37
N LEU A 1050 16.45 19.13 -22.52
CA LEU A 1050 16.04 18.28 -23.62
C LEU A 1050 16.08 16.81 -23.25
N ALA A 1051 17.13 16.39 -22.55
CA ALA A 1051 17.24 15.00 -22.11
C ALA A 1051 16.11 14.64 -21.14
N ILE A 1052 15.78 15.55 -20.22
CA ILE A 1052 14.70 15.29 -19.28
C ILE A 1052 13.39 15.11 -20.03
N ILE A 1053 13.11 15.99 -20.99
CA ILE A 1053 11.87 15.89 -21.76
C ILE A 1053 11.82 14.58 -22.54
N LEU A 1054 12.93 14.23 -23.19
CA LEU A 1054 12.97 13.01 -23.99
C LEU A 1054 12.79 11.77 -23.13
N LEU A 1055 13.42 11.73 -21.95
CA LEU A 1055 13.28 10.58 -21.08
C LEU A 1055 11.86 10.47 -20.54
N ILE A 1056 11.23 11.60 -20.21
CA ILE A 1056 9.84 11.57 -19.78
C ILE A 1056 8.96 11.00 -20.89
N PHE A 1057 9.17 11.44 -22.13
CA PHE A 1057 8.35 10.92 -23.22
C PHE A 1057 8.59 9.44 -23.46
N ILE A 1058 9.84 8.99 -23.39
CA ILE A 1058 10.15 7.58 -23.61
C ILE A 1058 9.51 6.72 -22.53
N SER A 1059 9.52 7.20 -21.29
CA SER A 1059 8.95 6.42 -20.20
C SER A 1059 7.44 6.27 -20.32
N LEU A 1060 6.75 7.32 -20.78
CA LEU A 1060 5.30 7.28 -20.91
C LEU A 1060 4.83 6.72 -22.24
N PHE A 1061 5.76 6.37 -23.13
CA PHE A 1061 5.39 5.87 -24.46
C PHE A 1061 4.58 4.59 -24.41
N PRO A 1062 4.93 3.56 -23.63
CA PRO A 1062 4.05 2.38 -23.59
C PRO A 1062 2.64 2.70 -23.13
N GLU A 1063 2.49 3.63 -22.18
CA GLU A 1063 1.15 4.01 -21.73
C GLU A 1063 0.38 4.72 -22.83
N ILE A 1064 1.02 5.64 -23.56
CA ILE A 1064 0.34 6.32 -24.65
C ILE A 1064 -0.04 5.34 -25.75
N LEU A 1065 0.86 4.41 -26.05
CA LEU A 1065 0.58 3.40 -27.08
C LEU A 1065 -0.57 2.50 -26.66
N LEU A 1066 -0.62 2.11 -25.39
CA LEU A 1066 -1.75 1.34 -24.90
C LEU A 1066 -3.05 2.13 -25.01
N ILE A 1067 -2.99 3.42 -24.70
CA ILE A 1067 -4.18 4.27 -24.81
C ILE A 1067 -4.69 4.29 -26.24
N VAL A 1068 -3.80 4.43 -27.22
CA VAL A 1068 -4.26 4.49 -28.60
C VAL A 1068 -4.69 3.11 -29.11
N LEU A 1069 -4.09 2.03 -28.61
CA LEU A 1069 -4.47 0.70 -29.07
C LEU A 1069 -5.82 0.27 -28.51
N LYS A 1070 -6.05 0.51 -27.23
CA LYS A 1070 -7.27 0.02 -26.59
C LYS A 1070 -8.51 0.82 -27.00
N ASN A 1071 -8.35 1.94 -27.68
CA ASN A 1071 -9.46 2.79 -28.08
C ASN A 1071 -9.64 2.81 -29.60
N VAL A 1072 -9.27 1.71 -30.26
CA VAL A 1072 -9.47 1.56 -31.69
C VAL A 1072 -10.06 0.18 -31.95
N ARG A 1073 -10.81 0.07 -33.05
CA ARG A 1073 -11.44 -1.18 -33.47
C ARG A 1073 -12.35 -1.77 -32.39
N ARG B 1 -32.21 15.16 7.04
CA ARG B 1 -31.77 15.20 5.61
C ARG B 1 -30.27 15.51 5.54
N PRO B 2 -29.50 14.83 4.66
CA PRO B 2 -28.03 15.06 4.50
C PRO B 2 -27.75 16.41 3.82
N ASP B 3 -26.48 16.84 3.77
CA ASP B 3 -26.14 18.16 3.18
C ASP B 3 -25.99 18.03 1.67
N ASN B 4 -26.82 18.76 0.91
CA ASN B 4 -26.83 18.57 -0.54
C ASN B 4 -25.84 19.53 -1.19
N THR B 5 -24.57 19.36 -0.82
CA THR B 5 -23.47 20.09 -1.43
C THR B 5 -22.83 19.21 -2.50
N ALA B 6 -22.17 19.85 -3.47
CA ALA B 6 -21.61 19.12 -4.59
C ALA B 6 -20.51 18.17 -4.14
N PHE B 7 -19.66 18.60 -3.21
CA PHE B 7 -18.61 17.73 -2.71
C PHE B 7 -19.19 16.54 -1.94
N LYS B 8 -20.17 16.79 -1.08
CA LYS B 8 -20.70 15.73 -0.23
C LYS B 8 -21.56 14.75 -1.01
N GLN B 9 -22.21 15.21 -2.08
CA GLN B 9 -23.03 14.34 -2.91
C GLN B 9 -22.25 13.79 -4.10
N GLN B 10 -20.95 14.02 -4.16
CA GLN B 10 -20.07 13.45 -5.18
C GLN B 10 -20.50 13.88 -6.59
N ARG B 11 -20.84 15.15 -6.73
CA ARG B 11 -21.26 15.72 -8.01
C ARG B 11 -20.53 17.04 -8.26
N LEU B 12 -19.24 17.06 -7.99
CA LEU B 12 -18.46 18.26 -8.24
C LEU B 12 -18.27 18.42 -9.75
N PRO B 13 -18.26 19.66 -10.25
CA PRO B 13 -18.02 19.87 -11.69
C PRO B 13 -16.64 19.36 -12.09
N ALA B 14 -16.61 18.54 -13.13
CA ALA B 14 -15.37 17.90 -13.58
C ALA B 14 -15.19 18.12 -15.08
N TRP B 15 -13.98 17.82 -15.54
CA TRP B 15 -13.64 18.04 -16.94
C TRP B 15 -13.95 16.80 -17.78
N GLN B 16 -13.51 15.64 -17.33
CA GLN B 16 -13.77 14.36 -17.99
C GLN B 16 -13.25 14.35 -19.43
N PRO B 17 -11.94 14.38 -19.63
CA PRO B 17 -11.41 14.27 -20.99
C PRO B 17 -11.52 12.85 -21.52
N ILE B 18 -11.58 12.74 -22.84
CA ILE B 18 -11.64 11.44 -23.51
C ILE B 18 -10.37 11.28 -24.31
N LEU B 19 -9.74 10.11 -24.19
CA LEU B 19 -8.51 9.79 -24.90
C LEU B 19 -8.75 8.59 -25.79
N THR B 20 -8.83 8.81 -27.09
CA THR B 20 -9.15 7.77 -28.05
C THR B 20 -8.09 7.73 -29.13
N ALA B 21 -8.11 6.66 -29.92
CA ALA B 21 -7.15 6.52 -31.01
C ALA B 21 -7.28 7.66 -32.00
N GLY B 22 -8.51 8.04 -32.34
CA GLY B 22 -8.74 9.10 -33.31
C GLY B 22 -8.31 10.48 -32.86
N THR B 23 -8.26 10.72 -31.54
CA THR B 23 -7.86 12.02 -31.01
C THR B 23 -6.43 12.04 -30.51
N VAL B 24 -5.77 10.88 -30.38
CA VAL B 24 -4.37 10.84 -29.99
C VAL B 24 -3.46 10.47 -31.16
N LEU B 25 -4.01 9.99 -32.28
CA LEU B 25 -3.16 9.67 -33.43
C LEU B 25 -2.33 10.86 -33.93
N PRO B 26 -2.83 12.09 -34.01
CA PRO B 26 -1.98 13.18 -34.51
C PRO B 26 -0.77 13.49 -33.63
N ILE B 27 -0.79 13.11 -32.35
CA ILE B 27 0.37 13.39 -31.51
C ILE B 27 1.57 12.55 -31.95
N PHE B 28 1.31 11.34 -32.46
CA PHE B 28 2.39 10.50 -32.97
C PHE B 28 3.01 11.05 -34.24
N PHE B 29 2.40 12.06 -34.85
CA PHE B 29 2.98 12.78 -35.98
C PHE B 29 3.60 14.10 -35.56
N ILE B 30 2.95 14.83 -34.65
CA ILE B 30 3.52 16.08 -34.16
C ILE B 30 4.81 15.81 -33.41
N ILE B 31 4.84 14.77 -32.58
CA ILE B 31 6.05 14.43 -31.83
C ILE B 31 7.18 14.09 -32.78
N GLY B 32 6.88 13.35 -33.85
CA GLY B 32 7.91 13.05 -34.84
C GLY B 32 8.42 14.29 -35.55
N LEU B 33 7.50 15.15 -36.00
CA LEU B 33 7.89 16.34 -36.73
C LEU B 33 8.57 17.38 -35.85
N ILE B 34 8.49 17.26 -34.53
CA ILE B 34 9.25 18.09 -33.63
C ILE B 34 10.58 17.44 -33.25
N PHE B 35 10.59 16.13 -33.00
CA PHE B 35 11.78 15.46 -32.49
C PHE B 35 12.84 15.27 -33.57
N ILE B 36 12.42 14.92 -34.79
CA ILE B 36 13.39 14.63 -35.84
C ILE B 36 14.26 15.84 -36.18
N PRO B 37 13.70 17.03 -36.45
CA PRO B 37 14.57 18.19 -36.69
C PRO B 37 15.42 18.57 -35.50
N ILE B 38 14.89 18.46 -34.28
CA ILE B 38 15.69 18.73 -33.09
C ILE B 38 16.84 17.73 -32.97
N GLY B 39 16.55 16.45 -33.22
CA GLY B 39 17.60 15.45 -33.19
C GLY B 39 18.67 15.68 -34.23
N ILE B 40 18.28 16.08 -35.44
CA ILE B 40 19.25 16.41 -36.48
C ILE B 40 20.09 17.60 -36.06
N GLY B 41 19.47 18.62 -35.47
CA GLY B 41 20.22 19.77 -35.00
C GLY B 41 21.23 19.40 -33.93
N ILE B 42 20.82 18.58 -32.97
CA ILE B 42 21.73 18.15 -31.91
C ILE B 42 22.86 17.31 -32.48
N PHE B 43 22.54 16.41 -33.42
CA PHE B 43 23.55 15.56 -34.03
C PHE B 43 24.56 16.37 -34.81
N VAL B 44 24.10 17.39 -35.55
CA VAL B 44 25.02 18.22 -36.32
C VAL B 44 25.86 19.09 -35.39
N THR B 45 25.25 19.65 -34.34
CA THR B 45 25.99 20.46 -33.40
C THR B 45 27.07 19.65 -32.69
N SER B 46 26.76 18.40 -32.34
CA SER B 46 27.73 17.56 -31.66
C SER B 46 28.87 17.14 -32.59
N ASN B 47 28.59 17.03 -33.88
CA ASN B 47 29.62 16.61 -34.83
C ASN B 47 30.63 17.72 -35.12
N ASN B 48 30.22 18.99 -34.98
CA ASN B 48 31.13 20.10 -35.24
C ASN B 48 32.08 20.38 -34.09
N ILE B 49 31.89 19.73 -32.94
CA ILE B 49 32.80 19.93 -31.81
C ILE B 49 34.13 19.24 -32.11
N ARG B 50 35.22 19.97 -31.90
CA ARG B 50 36.56 19.45 -32.12
C ARG B 50 37.13 19.00 -30.78
N GLU B 51 37.50 17.73 -30.69
CA GLU B 51 37.98 17.14 -29.45
C GLU B 51 39.21 16.30 -29.72
N ILE B 52 40.13 16.30 -28.75
CA ILE B 52 41.27 15.39 -28.76
C ILE B 52 41.48 14.90 -27.33
N GLU B 53 41.76 13.60 -27.19
CA GLU B 53 42.07 12.99 -25.92
C GLU B 53 43.44 12.33 -26.00
N ILE B 54 44.31 12.65 -25.06
CA ILE B 54 45.65 12.10 -25.01
C ILE B 54 45.82 11.35 -23.69
N ASP B 55 46.10 10.05 -23.78
CA ASP B 55 46.37 9.23 -22.61
C ASP B 55 47.86 9.29 -22.28
N TYR B 56 48.19 9.70 -21.06
CA TYR B 56 49.58 9.82 -20.63
C TYR B 56 49.85 9.00 -19.38
N THR B 57 49.11 7.91 -19.19
CA THR B 57 49.33 7.03 -18.04
C THR B 57 50.71 6.41 -18.11
N GLY B 58 51.12 5.97 -19.29
CA GLY B 58 52.44 5.40 -19.51
C GLY B 58 52.59 3.94 -19.16
N THR B 59 51.53 3.14 -19.26
CA THR B 59 51.63 1.73 -18.90
C THR B 59 52.38 0.92 -19.95
N GLU B 60 52.43 1.37 -21.18
CA GLU B 60 53.17 0.63 -22.21
C GLU B 60 54.63 1.06 -22.22
N PRO B 61 55.57 0.13 -22.36
CA PRO B 61 56.99 0.51 -22.38
C PRO B 61 57.33 1.52 -23.46
N SER B 62 56.64 1.49 -24.58
CA SER B 62 57.04 2.41 -25.67
C SER B 62 56.53 3.81 -25.35
N SER B 63 56.07 4.07 -24.13
CA SER B 63 55.43 5.37 -23.85
C SER B 63 56.44 6.39 -23.36
N PRO B 64 56.35 7.65 -23.81
CA PRO B 64 57.22 8.71 -23.32
C PRO B 64 57.06 8.85 -21.82
N CYS B 65 56.17 8.08 -21.20
CA CYS B 65 55.83 8.30 -19.77
C CYS B 65 55.91 7.04 -18.92
N ASN B 66 56.60 6.00 -19.37
CA ASN B 66 56.78 4.76 -18.56
C ASN B 66 57.82 5.07 -17.51
N LYS B 67 58.67 6.05 -17.78
CA LYS B 67 59.76 6.37 -16.85
C LYS B 67 59.21 7.10 -15.66
N CYS B 68 57.91 7.31 -15.64
CA CYS B 68 57.32 8.16 -14.59
C CYS B 68 56.38 7.29 -13.77
N LEU B 69 56.11 6.08 -14.22
CA LEU B 69 55.27 5.14 -13.46
C LEU B 69 55.91 4.99 -12.09
N SER B 70 57.06 4.34 -12.01
CA SER B 70 57.78 4.24 -10.72
C SER B 70 59.05 5.08 -10.84
N PRO B 71 59.06 6.36 -10.42
CA PRO B 71 60.21 7.25 -10.67
C PRO B 71 61.30 7.09 -9.64
N ASP B 72 62.46 7.70 -9.91
CA ASP B 72 63.54 7.72 -8.90
C ASP B 72 63.66 9.17 -8.45
N VAL B 73 64.00 10.06 -9.38
CA VAL B 73 64.01 11.50 -9.02
C VAL B 73 62.56 11.89 -8.70
N THR B 74 62.36 12.76 -7.72
CA THR B 74 61.00 13.05 -7.27
C THR B 74 60.20 13.63 -8.39
N PRO B 75 60.59 14.78 -9.00
CA PRO B 75 59.76 15.43 -10.04
C PRO B 75 60.03 14.73 -11.36
N CYS B 76 59.11 13.91 -11.84
CA CYS B 76 59.28 13.19 -13.11
C CYS B 76 58.56 14.01 -14.18
N PHE B 77 59.22 14.32 -15.28
CA PHE B 77 58.63 15.11 -16.36
C PHE B 77 58.53 14.26 -17.59
N CYS B 78 57.48 14.43 -18.38
CA CYS B 78 57.32 13.70 -19.64
C CYS B 78 56.70 14.65 -20.64
N THR B 79 57.15 14.66 -21.88
CA THR B 79 56.47 15.39 -22.96
C THR B 79 55.88 14.38 -23.91
N ILE B 80 54.65 14.60 -24.33
CA ILE B 80 53.97 13.69 -25.28
C ILE B 80 53.75 14.50 -26.54
N ASN B 81 53.84 13.84 -27.69
CA ASN B 81 53.67 14.50 -28.98
C ASN B 81 52.29 14.20 -29.54
N PHE B 82 51.59 15.23 -30.00
CA PHE B 82 50.32 15.03 -30.66
C PHE B 82 50.12 16.10 -31.73
N THR B 83 49.22 15.80 -32.66
CA THR B 83 48.96 16.65 -33.82
C THR B 83 47.50 17.07 -33.82
N LEU B 84 47.25 18.34 -34.10
CA LEU B 84 45.90 18.84 -34.31
C LEU B 84 45.67 18.92 -35.82
N GLU B 85 44.84 18.01 -36.33
CA GLU B 85 44.61 17.95 -37.78
C GLU B 85 43.73 19.09 -38.25
N LYS B 86 42.96 19.68 -37.35
CA LYS B 86 42.06 20.78 -37.66
C LYS B 86 42.07 21.78 -36.52
N SER B 87 42.07 23.06 -36.88
CA SER B 87 42.20 24.12 -35.89
C SER B 87 40.98 24.20 -34.99
N PHE B 88 41.23 24.53 -33.72
CA PHE B 88 40.17 24.82 -32.75
C PHE B 88 39.91 26.32 -32.80
N GLU B 89 38.65 26.69 -33.03
CA GLU B 89 38.32 28.06 -33.40
C GLU B 89 37.75 28.90 -32.26
N GLY B 90 36.85 28.38 -31.47
CA GLY B 90 36.21 29.13 -30.41
C GLY B 90 36.94 29.01 -29.09
N ASN B 91 36.19 29.18 -27.99
CA ASN B 91 36.73 28.92 -26.67
C ASN B 91 37.09 27.44 -26.54
N VAL B 92 38.30 27.17 -26.06
CA VAL B 92 38.78 25.81 -25.88
C VAL B 92 38.82 25.51 -24.39
N PHE B 93 38.48 24.27 -24.03
CA PHE B 93 38.42 23.83 -22.65
C PHE B 93 39.37 22.66 -22.46
N MET B 94 40.22 22.75 -21.45
CA MET B 94 41.21 21.73 -21.14
C MET B 94 40.70 20.90 -19.98
N TYR B 95 40.63 19.59 -20.18
CA TYR B 95 40.16 18.66 -19.16
C TYR B 95 41.26 17.64 -18.86
N TYR B 96 41.28 17.18 -17.62
CA TYR B 96 41.94 15.93 -17.27
C TYR B 96 40.89 14.89 -16.93
N GLY B 97 41.17 13.65 -17.29
CA GLY B 97 40.22 12.56 -17.12
C GLY B 97 40.85 11.42 -16.36
N LEU B 98 40.04 10.78 -15.51
CA LEU B 98 40.49 9.67 -14.69
C LEU B 98 39.54 8.49 -14.89
N SER B 99 40.12 7.33 -15.17
CA SER B 99 39.37 6.08 -15.30
C SER B 99 39.58 5.21 -14.07
N ASN B 100 38.58 4.40 -13.76
CA ASN B 100 38.63 3.43 -12.67
C ASN B 100 38.90 4.10 -11.32
N PHE B 101 38.40 5.32 -11.16
CA PHE B 101 38.54 6.09 -9.93
C PHE B 101 37.15 6.33 -9.36
N TYR B 102 36.89 5.74 -8.20
CA TYR B 102 35.54 5.74 -7.63
C TYR B 102 35.39 6.91 -6.66
N GLN B 103 35.22 8.09 -7.25
CA GLN B 103 34.82 9.27 -6.50
C GLN B 103 33.38 9.19 -6.01
N ASN B 104 32.62 8.21 -6.48
CA ASN B 104 31.25 7.99 -6.06
C ASN B 104 31.12 6.88 -5.03
N HIS B 105 32.22 6.32 -4.55
CA HIS B 105 32.18 5.36 -3.46
C HIS B 105 31.61 6.02 -2.21
N ARG B 106 30.79 5.27 -1.48
CA ARG B 106 30.08 5.84 -0.34
C ARG B 106 31.03 6.32 0.74
N ARG B 107 32.09 5.55 1.01
CA ARG B 107 33.07 5.97 2.01
C ARG B 107 33.83 7.21 1.56
N TYR B 108 34.03 7.37 0.25
CA TYR B 108 34.72 8.54 -0.27
C TYR B 108 33.83 9.78 -0.24
N VAL B 109 32.56 9.64 -0.61
CA VAL B 109 31.68 10.80 -0.81
C VAL B 109 31.46 11.55 0.50
N LYS B 110 31.32 10.82 1.61
CA LYS B 110 31.07 11.45 2.90
C LYS B 110 32.32 12.02 3.56
N SER B 111 33.50 11.75 3.02
CA SER B 111 34.76 12.15 3.66
C SER B 111 35.06 13.63 3.38
N ARG B 112 34.23 14.49 3.97
CA ARG B 112 34.40 15.93 3.87
C ARG B 112 33.72 16.57 5.07
N ASP B 113 34.16 17.78 5.39
CA ASP B 113 33.54 18.61 6.42
C ASP B 113 33.10 19.89 5.73
N ASP B 114 31.82 19.95 5.35
CA ASP B 114 31.32 21.09 4.60
C ASP B 114 31.22 22.35 5.45
N SER B 115 31.06 22.22 6.77
CA SER B 115 31.11 23.39 7.64
C SER B 115 32.52 23.97 7.66
N GLN B 116 33.54 23.12 7.69
CA GLN B 116 34.91 23.59 7.60
C GLN B 116 35.19 24.26 6.26
N LEU B 117 34.72 23.66 5.17
CA LEU B 117 34.96 24.20 3.83
C LEU B 117 34.18 25.48 3.59
N ASN B 118 33.16 25.77 4.41
CA ASN B 118 32.38 26.99 4.30
C ASN B 118 32.97 28.11 5.15
N GLY B 119 34.09 27.86 5.81
CA GLY B 119 34.74 28.88 6.60
C GLY B 119 34.18 29.05 7.99
N ASP B 120 33.87 27.95 8.68
CA ASP B 120 33.35 27.99 10.03
C ASP B 120 34.49 27.77 11.02
N SER B 121 34.61 28.70 11.98
CA SER B 121 35.77 28.69 12.87
C SER B 121 35.82 27.45 13.74
N SER B 122 34.67 27.02 14.27
CA SER B 122 34.65 25.84 15.13
C SER B 122 34.97 24.58 14.35
N ALA B 123 34.42 24.45 13.14
CA ALA B 123 34.69 23.29 12.32
C ALA B 123 36.11 23.28 11.78
N LEU B 124 36.76 24.44 11.69
CA LEU B 124 38.15 24.46 11.25
C LEU B 124 39.06 23.75 12.25
N LEU B 125 38.81 23.94 13.54
CA LEU B 125 39.62 23.33 14.59
C LEU B 125 39.07 22.00 15.06
N ASN B 126 37.81 21.69 14.79
CA ASN B 126 37.20 20.41 15.15
C ASN B 126 36.52 19.81 13.92
N PRO B 127 37.30 19.26 12.99
CA PRO B 127 36.71 18.61 11.82
C PRO B 127 35.88 17.41 12.21
N SER B 128 34.89 17.11 11.38
CA SER B 128 33.93 16.06 11.68
C SER B 128 34.61 14.69 11.67
N LYS B 129 34.01 13.76 12.40
CA LYS B 129 34.45 12.37 12.40
C LYS B 129 34.21 11.68 11.07
N GLU B 130 33.37 12.27 10.21
CA GLU B 130 33.01 11.64 8.95
C GLU B 130 34.16 11.70 7.95
N CYS B 131 35.17 12.51 8.22
CA CYS B 131 36.27 12.71 7.27
C CYS B 131 37.55 12.05 7.80
N GLU B 132 37.35 10.86 8.37
CA GLU B 132 38.40 10.03 8.95
C GLU B 132 38.65 8.85 8.03
N PRO B 133 39.88 8.31 7.98
CA PRO B 133 41.07 8.60 8.80
C PRO B 133 41.91 9.78 8.31
N TYR B 134 41.29 10.82 7.77
CA TYR B 134 42.00 11.99 7.29
C TYR B 134 41.54 13.22 8.05
N ARG B 135 41.36 13.06 9.36
CA ARG B 135 40.79 14.09 10.22
C ARG B 135 41.82 14.78 11.08
N ARG B 136 42.74 14.03 11.68
CA ARG B 136 43.78 14.60 12.52
C ARG B 136 45.12 13.98 12.17
N ASN B 137 46.17 14.78 12.27
CA ASN B 137 47.53 14.32 11.99
C ASN B 137 48.50 15.13 12.84
N GLU B 138 49.41 14.42 13.52
CA GLU B 138 50.39 15.04 14.41
C GLU B 138 49.69 15.85 15.52
N ASP B 139 48.60 15.31 16.04
CA ASP B 139 47.82 15.96 17.10
C ASP B 139 47.33 17.34 16.69
N LYS B 140 47.02 17.51 15.40
CA LYS B 140 46.48 18.75 14.90
C LYS B 140 45.37 18.43 13.89
N PRO B 141 44.34 19.26 13.82
CA PRO B 141 43.31 19.05 12.79
C PRO B 141 43.86 19.33 11.40
N ILE B 142 43.34 18.60 10.43
CA ILE B 142 43.72 18.82 9.03
C ILE B 142 42.78 19.86 8.43
N ALA B 143 43.35 20.93 7.83
CA ALA B 143 42.55 22.09 7.49
C ALA B 143 41.54 21.79 6.40
N PRO B 144 41.92 21.27 5.22
CA PRO B 144 40.93 20.50 4.46
C PRO B 144 41.01 19.04 4.87
N CYS B 145 39.96 18.52 5.50
CA CYS B 145 39.99 17.16 6.00
C CYS B 145 39.21 16.24 5.06
N GLY B 146 39.55 14.96 5.13
CA GLY B 146 38.82 13.95 4.40
C GLY B 146 39.58 13.39 3.22
N ALA B 147 39.08 12.26 2.72
CA ALA B 147 39.74 11.54 1.64
C ALA B 147 39.65 12.30 0.32
N ILE B 148 38.52 12.96 0.06
CA ILE B 148 38.39 13.71 -1.20
C ILE B 148 39.44 14.79 -1.28
N MET B 149 39.59 15.57 -0.20
CA MET B 149 40.63 16.59 -0.17
C MET B 149 42.00 15.94 -0.28
N ASN B 150 42.26 14.90 0.52
CA ASN B 150 43.59 14.30 0.57
C ASN B 150 44.02 13.76 -0.79
N SER B 151 43.09 13.28 -1.61
CA SER B 151 43.43 12.63 -2.87
C SER B 151 43.36 13.59 -4.06
N MET B 152 43.52 14.89 -3.83
CA MET B 152 43.36 15.87 -4.89
C MET B 152 44.36 15.64 -6.01
N PHE B 153 43.86 15.68 -7.25
CA PHE B 153 44.69 15.46 -8.43
C PHE B 153 45.74 16.57 -8.54
N ASN B 154 47.00 16.19 -8.77
CA ASN B 154 48.07 17.17 -8.68
C ASN B 154 49.06 17.13 -9.83
N ASP B 155 48.69 16.57 -10.98
CA ASP B 155 49.57 16.65 -12.14
C ASP B 155 49.54 18.06 -12.72
N THR B 156 50.66 18.47 -13.30
CA THR B 156 50.77 19.75 -13.98
C THR B 156 50.86 19.51 -15.48
N LEU B 157 49.99 20.15 -16.23
CA LEU B 157 49.90 19.97 -17.67
C LEU B 157 50.03 21.32 -18.37
N GLU B 158 51.01 21.43 -19.26
CA GLU B 158 51.19 22.64 -20.07
C GLU B 158 51.32 22.28 -21.53
N LEU B 159 50.92 23.22 -22.38
CA LEU B 159 50.82 23.00 -23.81
C LEU B 159 51.76 23.95 -24.55
N PHE B 160 52.46 23.42 -25.55
CA PHE B 160 53.33 24.20 -26.41
C PHE B 160 53.01 23.89 -27.85
N LEU B 161 52.85 24.94 -28.66
CA LEU B 161 52.67 24.78 -30.10
C LEU B 161 54.02 24.89 -30.79
N ILE B 162 54.34 23.90 -31.61
CA ILE B 162 55.62 23.86 -32.31
C ILE B 162 55.57 24.85 -33.46
N GLY B 163 56.42 25.88 -33.40
CA GLY B 163 56.43 26.92 -34.40
C GLY B 163 57.15 26.49 -35.67
N GLN B 164 57.20 27.44 -36.61
CA GLN B 164 57.85 27.17 -37.89
C GLN B 164 59.35 27.03 -37.76
N ASP B 165 59.95 27.64 -36.74
CA ASP B 165 61.39 27.57 -36.48
C ASP B 165 61.73 26.55 -35.40
N SER B 166 60.85 25.56 -35.19
CA SER B 166 60.96 24.53 -34.17
C SER B 166 60.90 25.07 -32.74
N TYR B 167 60.66 26.37 -32.57
CA TYR B 167 60.57 26.93 -31.23
C TYR B 167 59.17 26.73 -30.66
N PRO B 168 59.03 26.11 -29.49
CA PRO B 168 57.71 25.89 -28.91
C PRO B 168 57.10 27.20 -28.39
N ILE B 169 55.90 27.50 -28.86
CA ILE B 169 55.16 28.67 -28.41
C ILE B 169 54.22 28.22 -27.30
N PRO B 170 54.37 28.73 -26.08
CA PRO B 170 53.49 28.29 -24.99
C PRO B 170 52.08 28.84 -25.16
N ILE B 171 51.10 27.97 -24.95
CA ILE B 171 49.70 28.35 -24.97
C ILE B 171 49.29 28.79 -23.57
N ALA B 172 48.71 29.98 -23.46
CA ALA B 172 48.32 30.54 -22.18
C ALA B 172 47.06 29.86 -21.67
N LEU B 173 47.09 29.45 -20.40
CA LEU B 173 45.98 28.75 -19.76
C LEU B 173 45.50 29.55 -18.57
N LYS B 174 44.17 29.64 -18.40
CA LYS B 174 43.57 30.32 -17.27
C LYS B 174 42.97 29.33 -16.29
N LYS B 175 43.32 29.50 -15.02
CA LYS B 175 42.86 28.62 -13.95
C LYS B 175 41.62 29.15 -13.23
N LYS B 176 41.12 30.31 -13.64
CA LYS B 176 39.96 30.92 -13.01
C LYS B 176 38.73 30.75 -13.91
N GLY B 177 37.56 30.73 -13.28
CA GLY B 177 36.33 30.51 -14.01
C GLY B 177 36.10 29.09 -14.44
N ILE B 178 36.65 28.11 -13.71
CA ILE B 178 36.45 26.71 -14.02
C ILE B 178 35.45 26.04 -13.10
N ALA B 179 35.22 26.57 -11.91
CA ALA B 179 34.31 26.00 -10.94
C ALA B 179 32.94 26.67 -11.03
N TRP B 180 31.96 26.04 -10.39
CA TRP B 180 30.65 26.68 -10.27
C TRP B 180 30.78 28.01 -9.55
N TRP B 181 30.08 29.02 -10.06
CA TRP B 181 30.14 30.33 -9.43
C TRP B 181 29.67 30.28 -7.99
N THR B 182 28.58 29.55 -7.73
CA THR B 182 28.01 29.55 -6.39
C THR B 182 28.84 28.74 -5.41
N ASP B 183 29.49 27.67 -5.86
CA ASP B 183 30.36 26.98 -4.91
C ASP B 183 31.71 27.64 -4.75
N LYS B 184 32.14 28.47 -5.71
CA LYS B 184 33.33 29.27 -5.45
C LYS B 184 33.03 30.43 -4.50
N ASN B 185 31.88 31.07 -4.66
CA ASN B 185 31.62 32.33 -3.96
C ASN B 185 30.79 32.17 -2.69
N VAL B 186 30.09 31.05 -2.51
CA VAL B 186 29.25 30.88 -1.33
C VAL B 186 29.60 29.59 -0.60
N LYS B 187 29.51 28.45 -1.30
CA LYS B 187 29.67 27.16 -0.65
C LYS B 187 31.06 26.99 -0.07
N PHE B 188 32.09 27.39 -0.81
CA PHE B 188 33.46 27.34 -0.35
C PHE B 188 33.88 28.73 0.11
N ARG B 189 34.24 28.85 1.39
CA ARG B 189 34.69 30.12 1.94
C ARG B 189 35.92 29.85 2.80
N ASN B 190 36.62 30.92 3.12
CA ASN B 190 37.84 30.85 3.89
C ASN B 190 37.57 31.27 5.34
N PRO B 191 38.38 30.82 6.29
CA PRO B 191 38.20 31.27 7.67
C PRO B 191 38.32 32.77 7.76
N PRO B 192 37.59 33.40 8.68
CA PRO B 192 37.55 34.86 8.74
C PRO B 192 38.56 35.52 9.69
N GLY B 193 39.47 34.75 10.27
CA GLY B 193 40.32 35.26 11.34
C GLY B 193 41.42 36.21 10.92
N GLY B 194 41.07 37.28 10.20
CA GLY B 194 42.03 38.29 9.82
C GLY B 194 42.07 38.47 8.30
N ASP B 195 43.23 38.89 7.81
CA ASP B 195 43.45 39.11 6.40
C ASP B 195 44.54 38.23 5.81
N ASN B 196 45.61 37.95 6.55
CA ASN B 196 46.64 37.03 6.11
C ASN B 196 46.16 35.60 6.31
N LEU B 197 46.29 34.78 5.26
CA LEU B 197 45.76 33.42 5.31
C LEU B 197 46.62 32.47 6.14
N GLU B 198 47.94 32.68 6.16
CA GLU B 198 48.81 31.79 6.92
C GLU B 198 48.51 31.86 8.41
N GLU B 199 47.99 32.99 8.88
CA GLU B 199 47.64 33.12 10.29
C GLU B 199 46.25 32.58 10.56
N ARG B 200 45.35 32.65 9.57
CA ARG B 200 43.98 32.18 9.73
C ARG B 200 43.87 30.66 9.81
N PHE B 201 44.95 29.94 9.55
CA PHE B 201 45.02 28.49 9.65
C PHE B 201 46.01 28.07 10.73
N LYS B 202 45.94 28.74 11.90
CA LYS B 202 47.04 28.68 12.85
C LYS B 202 47.20 27.30 13.47
N GLY B 203 46.12 26.71 13.97
CA GLY B 203 46.22 25.46 14.70
C GLY B 203 45.92 24.21 13.90
N THR B 204 45.99 24.32 12.57
CA THR B 204 45.68 23.20 11.69
C THR B 204 46.96 22.67 11.04
N THR B 205 46.80 21.57 10.31
CA THR B 205 47.89 20.96 9.56
C THR B 205 47.38 20.59 8.18
N LYS B 206 48.32 20.43 7.25
CA LYS B 206 47.97 20.14 5.87
C LYS B 206 47.59 18.66 5.72
N PRO B 207 46.89 18.32 4.64
CA PRO B 207 46.64 16.90 4.35
C PRO B 207 47.93 16.12 4.22
N VAL B 208 47.88 14.83 4.55
CA VAL B 208 49.10 14.03 4.63
C VAL B 208 49.72 13.84 3.25
N ASN B 209 48.91 13.82 2.19
CA ASN B 209 49.43 13.73 0.83
C ASN B 209 49.73 15.08 0.21
N TRP B 210 49.32 16.17 0.86
CA TRP B 210 49.68 17.53 0.46
C TRP B 210 51.19 17.73 0.54
N LEU B 211 51.72 18.51 -0.40
CA LEU B 211 53.10 18.97 -0.31
C LEU B 211 53.23 20.29 0.45
N LYS B 212 52.52 21.31 0.00
CA LYS B 212 52.42 22.61 0.65
C LYS B 212 51.05 22.75 1.29
N PRO B 213 50.91 23.58 2.33
CA PRO B 213 49.61 23.75 2.97
C PRO B 213 48.58 24.38 2.03
N VAL B 214 47.33 24.42 2.51
CA VAL B 214 46.23 24.91 1.69
C VAL B 214 46.32 26.40 1.42
N TYR B 215 47.09 27.15 2.21
CA TYR B 215 47.28 28.57 1.97
C TYR B 215 48.49 28.86 1.10
N MET B 216 49.05 27.83 0.45
CA MET B 216 50.04 28.01 -0.61
C MET B 216 49.59 27.40 -1.94
N LEU B 217 48.28 27.22 -2.12
CA LEU B 217 47.80 26.65 -3.38
C LEU B 217 47.95 27.64 -4.53
N ASP B 218 47.98 28.94 -4.23
CA ASP B 218 48.07 29.97 -5.24
C ASP B 218 48.52 31.26 -4.59
N SER B 219 49.21 32.10 -5.36
CA SER B 219 49.62 33.40 -4.85
C SER B 219 48.50 34.41 -4.94
N ASP B 220 47.53 34.19 -5.83
CA ASP B 220 46.39 35.08 -5.96
C ASP B 220 45.49 34.91 -4.74
N PRO B 221 45.19 35.97 -3.99
CA PRO B 221 44.40 35.80 -2.75
C PRO B 221 42.99 35.29 -3.00
N ASP B 222 42.45 35.45 -4.20
CA ASP B 222 41.11 34.97 -4.51
C ASP B 222 41.09 33.53 -5.01
N ASN B 223 42.26 32.86 -5.05
CA ASN B 223 42.36 31.48 -5.47
C ASN B 223 43.27 30.69 -4.55
N ASN B 224 43.44 31.13 -3.31
CA ASN B 224 44.49 30.62 -2.45
C ASN B 224 44.04 29.49 -1.53
N GLY B 225 43.07 29.75 -0.65
CA GLY B 225 42.72 28.78 0.37
C GLY B 225 41.65 27.80 -0.06
N PHE B 226 40.55 27.76 0.69
CA PHE B 226 39.43 26.90 0.34
C PHE B 226 38.74 27.32 -0.93
N ILE B 227 39.02 28.53 -1.43
CA ILE B 227 38.39 29.05 -2.64
C ILE B 227 39.28 28.84 -3.87
N ASN B 228 40.31 28.01 -3.76
CA ASN B 228 41.08 27.62 -4.93
C ASN B 228 40.22 26.77 -5.86
N GLU B 229 40.21 27.15 -7.14
CA GLU B 229 39.27 26.54 -8.07
C GLU B 229 39.66 25.12 -8.47
N ASP B 230 40.96 24.82 -8.55
CA ASP B 230 41.38 23.44 -8.76
C ASP B 230 40.90 22.56 -7.61
N PHE B 231 41.05 23.04 -6.38
CA PHE B 231 40.57 22.32 -5.22
C PHE B 231 39.06 22.12 -5.27
N ILE B 232 38.31 23.17 -5.61
CA ILE B 232 36.85 23.07 -5.66
C ILE B 232 36.41 22.08 -6.74
N VAL B 233 37.03 22.15 -7.91
CA VAL B 233 36.73 21.25 -9.01
C VAL B 233 36.99 19.80 -8.61
N TRP B 234 38.10 19.55 -7.90
CA TRP B 234 38.32 18.19 -7.40
C TRP B 234 37.26 17.79 -6.38
N MET B 235 36.89 18.70 -5.48
CA MET B 235 35.98 18.35 -4.39
C MET B 235 34.56 18.09 -4.86
N ARG B 236 34.16 18.59 -6.02
CA ARG B 236 32.84 18.20 -6.53
C ARG B 236 32.96 16.80 -7.13
N THR B 237 32.57 15.79 -6.35
CA THR B 237 32.85 14.41 -6.70
C THR B 237 32.04 13.97 -7.91
N ALA B 238 32.61 13.03 -8.66
CA ALA B 238 32.10 12.62 -9.95
C ALA B 238 31.02 11.55 -9.79
N ALA B 239 30.23 11.39 -10.86
CA ALA B 239 29.10 10.46 -10.81
C ALA B 239 29.52 9.03 -11.16
N LEU B 240 30.52 8.86 -12.02
CA LEU B 240 30.88 7.58 -12.58
C LEU B 240 32.37 7.36 -12.42
N PRO B 241 32.83 6.10 -12.39
CA PRO B 241 34.27 5.84 -12.21
C PRO B 241 35.15 6.39 -13.31
N THR B 242 34.62 6.64 -14.51
CA THR B 242 35.34 7.34 -15.56
C THR B 242 34.75 8.73 -15.69
N PHE B 243 35.57 9.76 -15.49
CA PHE B 243 35.07 11.12 -15.43
C PHE B 243 36.11 12.10 -15.95
N ARG B 244 35.69 13.34 -16.10
CA ARG B 244 36.52 14.44 -16.54
C ARG B 244 36.35 15.62 -15.60
N LYS B 245 37.42 16.38 -15.42
CA LYS B 245 37.39 17.57 -14.59
C LYS B 245 37.97 18.74 -15.39
N LEU B 246 37.29 19.88 -15.33
CA LEU B 246 37.76 21.06 -16.03
C LEU B 246 39.05 21.57 -15.40
N TYR B 247 40.09 21.73 -16.23
CA TYR B 247 41.42 22.08 -15.77
C TYR B 247 41.78 23.52 -16.09
N ARG B 248 41.73 23.91 -17.36
CA ARG B 248 42.10 25.26 -17.78
C ARG B 248 41.15 25.73 -18.86
N LEU B 249 41.15 27.03 -19.10
CA LEU B 249 40.39 27.66 -20.17
C LEU B 249 41.36 28.27 -21.16
N ILE B 250 41.15 28.01 -22.45
CA ILE B 250 41.95 28.60 -23.51
C ILE B 250 41.01 29.56 -24.25
N GLU B 251 41.02 30.82 -23.83
CA GLU B 251 40.10 31.80 -24.37
C GLU B 251 40.50 32.19 -25.78
N ARG B 252 39.50 32.42 -26.62
CA ARG B 252 39.74 32.88 -27.98
C ARG B 252 40.33 34.27 -27.98
N LYS B 253 41.20 34.54 -28.94
CA LYS B 253 41.91 35.80 -29.04
C LYS B 253 40.95 36.90 -29.50
N SER B 254 41.35 38.16 -29.26
CA SER B 254 40.54 39.29 -29.69
C SER B 254 40.45 39.35 -31.21
N ASP B 255 41.44 38.81 -31.91
CA ASP B 255 41.40 38.75 -33.36
C ASP B 255 40.69 37.47 -33.81
N LEU B 256 40.57 37.30 -35.12
CA LEU B 256 39.89 36.16 -35.71
C LEU B 256 40.82 35.00 -36.02
N HIS B 257 41.93 34.88 -35.29
CA HIS B 257 42.81 33.74 -35.48
C HIS B 257 42.28 32.54 -34.70
N PRO B 258 42.62 31.32 -35.14
CA PRO B 258 42.18 30.13 -34.40
C PRO B 258 42.77 30.11 -33.00
N THR B 259 41.98 29.62 -32.04
CA THR B 259 42.48 29.49 -30.68
C THR B 259 43.62 28.48 -30.60
N LEU B 260 43.44 27.32 -31.24
CA LEU B 260 44.48 26.29 -31.31
C LEU B 260 44.70 25.95 -32.78
N PRO B 261 45.63 26.63 -33.44
CA PRO B 261 45.87 26.37 -34.86
C PRO B 261 46.35 24.95 -35.08
N ALA B 262 45.99 24.39 -36.24
CA ALA B 262 46.43 23.05 -36.60
C ALA B 262 47.94 23.00 -36.71
N GLY B 263 48.53 21.91 -36.23
CA GLY B 263 49.97 21.78 -36.26
C GLY B 263 50.45 20.75 -35.25
N ARG B 264 51.65 20.99 -34.75
CA ARG B 264 52.32 20.09 -33.83
C ARG B 264 52.35 20.71 -32.43
N TYR B 265 52.07 19.88 -31.43
CA TYR B 265 52.00 20.35 -30.05
C TYR B 265 52.80 19.44 -29.13
N TRP B 266 53.16 19.99 -27.98
CA TRP B 266 53.82 19.26 -26.90
C TRP B 266 52.88 19.20 -25.70
N LEU B 267 53.03 18.16 -24.90
CA LEU B 267 52.30 18.03 -23.64
C LEU B 267 53.33 17.87 -22.51
N ASN B 268 53.82 19.00 -22.00
CA ASN B 268 54.52 19.06 -20.72
C ASN B 268 53.69 18.37 -19.64
N VAL B 269 54.24 17.32 -19.03
CA VAL B 269 53.56 16.62 -17.96
C VAL B 269 54.51 16.54 -16.75
N THR B 270 54.08 17.11 -15.62
CA THR B 270 54.73 16.88 -14.34
C THR B 270 53.94 15.76 -13.66
N TYR B 271 54.48 14.55 -13.71
CA TYR B 271 53.78 13.34 -13.26
C TYR B 271 53.90 13.23 -11.75
N ASN B 272 52.84 13.64 -11.04
CA ASN B 272 52.78 13.48 -9.59
C ASN B 272 51.72 12.48 -9.15
N TYR B 273 50.72 12.20 -9.99
CA TYR B 273 49.54 11.46 -9.57
C TYR B 273 49.63 10.02 -10.05
N PRO B 274 49.68 9.03 -9.15
CA PRO B 274 49.69 7.63 -9.57
C PRO B 274 48.30 7.01 -9.62
N VAL B 275 48.04 6.24 -10.68
CA VAL B 275 46.76 5.59 -10.88
C VAL B 275 46.96 4.13 -11.23
N HIS B 276 48.19 3.77 -11.57
CA HIS B 276 48.48 2.39 -11.95
C HIS B 276 48.43 1.43 -10.76
N TYR B 277 48.41 1.96 -9.53
CA TYR B 277 48.27 1.10 -8.37
C TYR B 277 46.87 0.52 -8.27
N PHE B 278 45.87 1.23 -8.77
CA PHE B 278 44.50 0.74 -8.81
C PHE B 278 44.01 0.57 -10.25
N ASP B 279 44.92 0.58 -11.21
CA ASP B 279 44.63 0.28 -12.62
C ASP B 279 43.84 1.40 -13.29
N GLY B 280 44.03 2.63 -12.82
CA GLY B 280 43.41 3.76 -13.47
C GLY B 280 44.20 4.25 -14.66
N ARG B 281 43.62 5.21 -15.36
CA ARG B 281 44.26 5.85 -16.49
C ARG B 281 44.11 7.36 -16.38
N LYS B 282 45.07 8.07 -16.95
CA LYS B 282 45.08 9.53 -16.94
C LYS B 282 45.04 10.05 -18.37
N ARG B 283 44.10 10.94 -18.66
CA ARG B 283 43.96 11.55 -19.97
C ARG B 283 43.99 13.06 -19.86
N MET B 284 44.33 13.70 -20.97
CA MET B 284 44.17 15.14 -21.14
C MET B 284 43.22 15.36 -22.32
N ILE B 285 42.20 16.17 -22.11
CA ILE B 285 41.17 16.40 -23.12
C ILE B 285 41.16 17.88 -23.49
N LEU B 286 41.29 18.16 -24.77
CA LEU B 286 41.06 19.48 -25.33
C LEU B 286 39.78 19.43 -26.16
N SER B 287 38.90 20.41 -25.97
CA SER B 287 37.61 20.35 -26.62
C SER B 287 37.05 21.76 -26.80
N THR B 288 36.20 21.90 -27.82
CA THR B 288 35.36 23.06 -27.99
C THR B 288 33.95 22.77 -27.48
N ILE B 289 33.18 23.82 -27.26
CA ILE B 289 31.83 23.68 -26.73
C ILE B 289 30.82 24.22 -27.73
N SER B 290 29.55 24.02 -27.41
CA SER B 290 28.44 24.61 -28.12
C SER B 290 27.35 24.91 -27.10
N TRP B 291 26.17 25.25 -27.59
CA TRP B 291 25.03 25.44 -26.70
C TRP B 291 24.67 24.15 -25.97
N MET B 292 24.95 23.00 -26.58
CA MET B 292 24.64 21.71 -25.99
C MET B 292 25.73 21.18 -25.08
N GLY B 293 26.88 21.84 -25.03
CA GLY B 293 28.00 21.37 -24.23
C GLY B 293 29.09 20.78 -25.09
N GLY B 294 29.60 19.61 -24.69
CA GLY B 294 30.66 18.94 -25.42
C GLY B 294 30.12 17.96 -26.43
N LYS B 295 31.03 17.13 -26.96
CA LYS B 295 30.67 16.16 -27.99
C LYS B 295 29.95 14.98 -27.35
N ASN B 296 28.69 14.77 -27.72
CA ASN B 296 27.92 13.64 -27.25
C ASN B 296 26.81 13.33 -28.24
N PRO B 297 26.94 12.27 -29.05
CA PRO B 297 25.92 11.97 -30.06
C PRO B 297 24.67 11.33 -29.49
N PHE B 298 24.66 10.99 -28.20
CA PHE B 298 23.54 10.25 -27.64
C PHE B 298 22.23 11.01 -27.78
N LEU B 299 22.24 12.30 -27.42
CA LEU B 299 20.99 13.07 -27.40
C LEU B 299 20.40 13.21 -28.79
N GLY B 300 21.24 13.54 -29.77
CA GLY B 300 20.76 13.67 -31.15
C GLY B 300 20.27 12.34 -31.72
N ILE B 301 21.04 11.27 -31.51
CA ILE B 301 20.62 9.97 -32.02
C ILE B 301 19.32 9.53 -31.37
N ALA B 302 19.19 9.72 -30.06
CA ALA B 302 17.98 9.31 -29.36
C ALA B 302 16.77 10.12 -29.81
N TYR B 303 16.93 11.43 -29.98
CA TYR B 303 15.82 12.24 -30.45
C TYR B 303 15.40 11.83 -31.86
N ILE B 304 16.36 11.61 -32.75
CA ILE B 304 16.02 11.16 -34.11
C ILE B 304 15.29 9.83 -34.06
N ALA B 305 15.80 8.89 -33.25
CA ALA B 305 15.21 7.55 -33.20
C ALA B 305 13.79 7.58 -32.66
N VAL B 306 13.58 8.32 -31.56
CA VAL B 306 12.25 8.39 -30.97
C VAL B 306 11.27 9.08 -31.93
N GLY B 307 11.71 10.16 -32.58
CA GLY B 307 10.83 10.82 -33.54
C GLY B 307 10.47 9.92 -34.70
N SER B 308 11.45 9.18 -35.24
CA SER B 308 11.18 8.29 -36.35
C SER B 308 10.25 7.15 -35.95
N ILE B 309 10.46 6.57 -34.76
CA ILE B 309 9.57 5.51 -34.29
C ILE B 309 8.17 6.03 -34.10
N SER B 310 8.03 7.23 -33.52
CA SER B 310 6.71 7.82 -33.32
C SER B 310 6.00 8.04 -34.65
N PHE B 311 6.73 8.60 -35.63
CA PHE B 311 6.13 8.84 -36.94
C PHE B 311 5.73 7.54 -37.62
N LEU B 312 6.59 6.52 -37.55
CA LEU B 312 6.29 5.24 -38.20
C LEU B 312 5.07 4.59 -37.57
N LEU B 313 4.99 4.60 -36.23
CA LEU B 313 3.83 4.01 -35.57
C LEU B 313 2.56 4.79 -35.90
N GLY B 314 2.65 6.11 -35.97
CA GLY B 314 1.51 6.90 -36.37
C GLY B 314 1.04 6.56 -37.77
N VAL B 315 1.98 6.39 -38.70
CA VAL B 315 1.61 6.01 -40.07
C VAL B 315 0.95 4.65 -40.09
N VAL B 316 1.47 3.70 -39.31
CA VAL B 316 0.88 2.36 -39.27
C VAL B 316 -0.55 2.43 -38.75
N LEU B 317 -0.77 3.17 -37.66
CA LEU B 317 -2.13 3.29 -37.12
C LEU B 317 -3.06 4.01 -38.09
N LEU B 318 -2.56 5.06 -38.76
CA LEU B 318 -3.41 5.77 -39.73
C LEU B 318 -3.79 4.88 -40.89
N VAL B 319 -2.86 4.07 -41.38
CA VAL B 319 -3.18 3.11 -42.44
C VAL B 319 -4.16 2.05 -41.95
N ILE B 320 -4.07 1.64 -40.69
CA ILE B 320 -5.02 0.68 -40.14
C ILE B 320 -6.42 1.28 -40.12
N ASN B 321 -6.53 2.54 -39.69
CA ASN B 321 -7.83 3.21 -39.61
C ASN B 321 -8.50 3.38 -40.97
N HIS B 322 -7.73 3.40 -42.05
CA HIS B 322 -8.27 3.64 -43.39
C HIS B 322 -8.49 2.36 -44.17
N LYS B 323 -8.47 1.20 -43.52
CA LYS B 323 -8.75 -0.04 -44.22
C LYS B 323 -10.19 -0.11 -44.73
N TYR B 324 -11.13 0.55 -44.06
CA TYR B 324 -12.51 0.58 -44.50
C TYR B 324 -12.66 1.43 -45.76
#